data_3IF1
#
_entry.id   3IF1
#
_cell.length_a   279.350
_cell.length_b   38.420
_cell.length_c   95.990
_cell.angle_alpha   90.000
_cell.angle_beta   109.110
_cell.angle_gamma   90.000
#
_symmetry.space_group_name_H-M   'C 1 2 1'
#
loop_
_entity.id
_entity.type
_entity.pdbx_description
1 polymer 'Immunoglobulin light chain (IgG2a)'
2 polymer 'Immunoglobulin heavy chain (IgG2a)'
3 non-polymer 'ZINC ION'
4 non-polymer 'MAGNESIUM ION'
5 non-polymer 2-acetamido-2-deoxy-beta-D-galactopyranose
6 water water
#
loop_
_entity_poly.entity_id
_entity_poly.type
_entity_poly.pdbx_seq_one_letter_code
_entity_poly.pdbx_strand_id
1 'polypeptide(L)'
;IQLTQSPLSLPVSLGDQASISCRSSQSLVHSNGNTYLHWYLQKPGQSPKLLIYKVSNRFSGVPDRFSGSGSGTDFTLKIS
SVEAEDLGVYFCSQSTHVPTFGGGTKLEIKRADAAPTVSIFPPSSEQLTSGGASVVCFLNNFYPKDINVKWKIDGSERQN
GVLNSWTDQDSKDSTYSMSSTLTLTKDEYERHNSYTCEATHKTSTSPIVKSFNRE
;
A,C
2 'polypeptide(L)'
;QVQLQQSGGGLVQPGGSMKIFCAASGFTFSDAWMDWVRQSPEKGLEWVAEIRNKANNHETYYAESVKGRFTITRDDSKSR
MSLQMNSLRAEDTGIYYCSGGKVRNAYWGQGTTVTVSSKTTKAPSVYPLAPVCGDTTGSSVTLGCLVKGYFPEPVTLTWN
SGSLSSGVHTFPAVLQSDLYTLSSSVTVTSSTWPSQSITCNVAHPASSTKVDKKIEP
;
B,D
#
loop_
_chem_comp.id
_chem_comp.type
_chem_comp.name
_chem_comp.formula
MG non-polymer 'MAGNESIUM ION' 'Mg 2'
NGA D-saccharide, beta linking 2-acetamido-2-deoxy-beta-D-galactopyranose 'C8 H15 N O6'
ZN non-polymer 'ZINC ION' 'Zn 2'
#
# COMPACT_ATOMS: atom_id res chain seq x y z
N ILE A 1 -13.81 -11.27 13.56
CA ILE A 1 -12.95 -10.09 13.70
C ILE A 1 -11.67 -10.17 12.86
N GLN A 2 -11.45 -9.15 12.03
CA GLN A 2 -10.32 -9.11 11.11
C GLN A 2 -9.11 -8.38 11.65
N LEU A 3 -7.95 -8.96 11.37
CA LEU A 3 -6.69 -8.33 11.72
C LEU A 3 -5.99 -7.87 10.45
N THR A 4 -6.01 -6.56 10.24
CA THR A 4 -5.46 -5.95 9.04
C THR A 4 -4.00 -5.58 9.30
N GLN A 5 -3.10 -6.24 8.59
CA GLN A 5 -1.68 -6.03 8.83
C GLN A 5 -1.05 -5.18 7.73
N SER A 6 -0.27 -4.19 8.15
CA SER A 6 0.38 -3.27 7.22
C SER A 6 1.83 -3.06 7.64
N PRO A 7 2.75 -2.98 6.67
CA PRO A 7 2.47 -3.17 5.25
C PRO A 7 2.64 -4.63 4.82
N LEU A 8 2.54 -4.89 3.52
CA LEU A 8 2.74 -6.23 2.98
C LEU A 8 4.23 -6.54 2.93
N SER A 9 5.00 -5.56 2.47
CA SER A 9 6.44 -5.69 2.36
C SER A 9 7.14 -4.54 3.08
N LEU A 10 8.22 -4.86 3.78
CA LEU A 10 8.93 -3.86 4.58
C LEU A 10 10.43 -3.95 4.37
N PRO A 11 10.96 -3.17 3.41
CA PRO A 11 12.39 -3.09 3.14
C PRO A 11 13.08 -2.17 4.15
N VAL A 12 14.04 -2.70 4.89
CA VAL A 12 14.73 -1.94 5.92
C VAL A 12 16.22 -2.25 5.88
N SER A 13 17.04 -1.26 6.19
CA SER A 13 18.49 -1.42 6.22
C SER A 13 18.95 -2.04 7.53
N LEU A 14 20.04 -2.81 7.46
CA LEU A 14 20.65 -3.37 8.66
C LEU A 14 20.90 -2.26 9.67
N GLY A 15 20.49 -2.48 10.91
CA GLY A 15 20.72 -1.51 11.97
C GLY A 15 19.60 -0.52 12.18
N ASP A 16 18.77 -0.35 11.16
CA ASP A 16 17.65 0.57 11.25
C ASP A 16 16.47 -0.03 12.02
N GLN A 17 15.43 0.76 12.22
CA GLN A 17 14.23 0.30 12.89
C GLN A 17 13.13 0.00 11.89
N ALA A 18 12.38 -1.06 12.15
CA ALA A 18 11.21 -1.39 11.35
C ALA A 18 9.98 -1.35 12.25
N SER A 19 8.85 -0.95 11.67
CA SER A 19 7.61 -0.85 12.42
C SER A 19 6.49 -1.54 11.66
N ILE A 20 5.75 -2.38 12.37
CA ILE A 20 4.67 -3.17 11.78
C ILE A 20 3.34 -2.92 12.48
N SER A 21 2.28 -2.73 11.70
CA SER A 21 0.96 -2.50 12.28
C SER A 21 0.00 -3.64 11.98
N CYS A 22 -0.82 -3.98 12.96
CA CYS A 22 -1.98 -4.80 12.67
C CYS A 22 -3.16 -4.24 13.46
N ARG A 23 -4.31 -4.20 12.80
CA ARG A 23 -5.46 -3.47 13.29
C ARG A 23 -6.64 -4.41 13.34
N SER A 24 -7.43 -4.34 14.41
CA SER A 24 -8.57 -5.23 14.58
C SER A 24 -9.90 -4.54 14.29
N SER A 25 -10.82 -5.28 13.69
CA SER A 25 -12.15 -4.76 13.37
C SER A 25 -13.00 -4.59 14.63
N GLN A 26 -12.52 -5.13 15.74
CA GLN A 26 -13.16 -4.97 17.04
C GLN A 26 -12.08 -4.84 18.10
N SER A 27 -12.44 -4.23 19.22
CA SER A 27 -11.54 -4.15 20.37
C SER A 27 -11.07 -5.54 20.77
N LEU A 28 -9.76 -5.65 21.03
CA LEU A 28 -9.18 -6.92 21.47
C LEU A 28 -9.18 -7.03 22.99
N VAL A 29 -9.79 -6.03 23.65
CA VAL A 29 -9.86 -6.04 25.09
C VAL A 29 -10.95 -7.00 25.57
N HIS A 30 -10.58 -7.90 26.47
CA HIS A 30 -11.52 -8.88 27.00
C HIS A 30 -12.16 -8.36 28.29
N SER A 31 -13.39 -8.79 28.56
CA SER A 31 -14.12 -8.30 29.72
C SER A 31 -13.39 -8.58 31.03
N ASN A 32 -12.39 -9.46 31.00
CA ASN A 32 -11.61 -9.76 32.20
C ASN A 32 -10.40 -8.85 32.40
N GLY A 33 -10.21 -7.91 31.49
CA GLY A 33 -9.12 -6.94 31.60
C GLY A 33 -7.94 -7.17 30.67
N ASN A 34 -7.75 -8.41 30.24
CA ASN A 34 -6.61 -8.75 29.38
C ASN A 34 -6.86 -8.52 27.88
N THR A 35 -5.77 -8.25 27.16
CA THR A 35 -5.81 -8.12 25.71
C THR A 35 -4.91 -9.19 25.07
N TYR A 36 -5.52 -10.14 24.38
CA TYR A 36 -4.80 -11.32 23.89
C TYR A 36 -4.29 -11.18 22.46
N LEU A 37 -3.24 -10.38 22.28
CA LEU A 37 -2.66 -10.11 20.97
C LEU A 37 -1.24 -10.65 20.91
N HIS A 38 -0.95 -11.47 19.90
CA HIS A 38 0.37 -12.09 19.76
C HIS A 38 1.11 -11.53 18.55
N TRP A 39 2.45 -11.58 18.61
CA TRP A 39 3.27 -11.36 17.42
C TRP A 39 4.14 -12.58 17.15
N TYR A 40 4.24 -12.97 15.89
CA TYR A 40 5.04 -14.13 15.50
C TYR A 40 6.02 -13.76 14.40
N LEU A 41 7.08 -14.54 14.27
CA LEU A 41 7.97 -14.42 13.14
C LEU A 41 8.15 -15.78 12.50
N GLN A 42 7.94 -15.86 11.19
CA GLN A 42 8.17 -17.11 10.46
C GLN A 42 9.37 -16.94 9.53
N LYS A 43 10.50 -17.49 9.94
CA LYS A 43 11.70 -17.48 9.11
C LYS A 43 11.50 -18.42 7.93
N PRO A 44 12.29 -18.22 6.86
CA PRO A 44 12.19 -19.06 5.67
C PRO A 44 12.38 -20.53 5.98
N GLY A 45 11.40 -21.36 5.62
CA GLY A 45 11.52 -22.79 5.76
C GLY A 45 11.21 -23.31 7.15
N GLN A 46 10.81 -22.42 8.06
CA GLN A 46 10.49 -22.82 9.42
C GLN A 46 9.04 -22.45 9.77
N SER A 47 8.59 -22.90 10.94
CA SER A 47 7.24 -22.59 11.38
C SER A 47 7.21 -21.23 12.08
N PRO A 48 6.00 -20.67 12.25
CA PRO A 48 5.89 -19.42 13.02
C PRO A 48 6.45 -19.61 14.41
N LYS A 49 7.14 -18.60 14.92
CA LYS A 49 7.66 -18.64 16.28
C LYS A 49 7.13 -17.44 17.07
N LEU A 50 6.59 -17.70 18.26
CA LEU A 50 6.05 -16.64 19.09
C LEU A 50 7.13 -15.65 19.51
N LEU A 51 6.88 -14.36 19.31
CA LEU A 51 7.78 -13.32 19.78
C LEU A 51 7.20 -12.66 21.02
N ILE A 52 5.93 -12.27 20.93
CA ILE A 52 5.28 -11.48 21.98
C ILE A 52 3.84 -11.91 22.19
N TYR A 53 3.42 -11.95 23.46
CA TYR A 53 2.05 -12.26 23.80
C TYR A 53 1.49 -11.19 24.72
N LYS A 54 0.17 -11.16 24.86
CA LYS A 54 -0.49 -10.15 25.68
C LYS A 54 -0.01 -8.73 25.38
N VAL A 55 0.11 -8.43 24.09
CA VAL A 55 0.39 -7.07 23.60
C VAL A 55 1.86 -6.64 23.68
N SER A 56 2.50 -6.84 24.83
CA SER A 56 3.85 -6.31 25.02
C SER A 56 4.81 -7.25 25.76
N ASN A 57 4.36 -8.46 26.08
CA ASN A 57 5.22 -9.39 26.80
C ASN A 57 6.07 -10.27 25.88
N ARG A 58 7.37 -10.06 25.91
CA ARG A 58 8.31 -10.89 25.17
C ARG A 58 8.28 -12.33 25.69
N PHE A 59 8.28 -13.28 24.77
CA PHE A 59 8.38 -14.68 25.18
C PHE A 59 9.84 -15.00 25.47
N SER A 60 10.05 -16.07 26.24
CA SER A 60 11.40 -16.47 26.61
C SER A 60 12.26 -16.65 25.36
N GLY A 61 13.46 -16.09 25.39
CA GLY A 61 14.41 -16.24 24.30
C GLY A 61 14.36 -15.14 23.26
N VAL A 62 13.36 -14.26 23.37
CA VAL A 62 13.20 -13.18 22.40
C VAL A 62 13.94 -11.93 22.85
N PRO A 63 14.85 -11.42 22.02
CA PRO A 63 15.61 -10.21 22.33
C PRO A 63 14.70 -8.98 22.47
N ASP A 64 15.04 -8.07 23.37
CA ASP A 64 14.18 -6.92 23.60
C ASP A 64 14.37 -5.85 22.52
N ARG A 65 14.95 -6.25 21.40
CA ARG A 65 14.94 -5.42 20.20
C ARG A 65 13.52 -5.42 19.65
N PHE A 66 12.82 -6.54 19.88
CA PHE A 66 11.42 -6.67 19.49
C PHE A 66 10.53 -6.20 20.61
N SER A 67 9.65 -5.25 20.33
CA SER A 67 8.73 -4.76 21.34
C SER A 67 7.35 -4.50 20.78
N GLY A 68 6.32 -4.90 21.54
CA GLY A 68 4.95 -4.67 21.14
C GLY A 68 4.32 -3.58 21.98
N SER A 69 3.42 -2.81 21.35
CA SER A 69 2.67 -1.77 22.05
C SER A 69 1.30 -1.63 21.43
N GLY A 70 0.49 -0.73 21.98
CA GLY A 70 -0.85 -0.49 21.47
C GLY A 70 -1.92 -0.92 22.44
N SER A 71 -3.17 -0.63 22.07
CA SER A 71 -4.32 -0.99 22.90
C SER A 71 -5.60 -0.93 22.06
N GLY A 72 -6.68 -1.49 22.60
CA GLY A 72 -7.95 -1.49 21.90
C GLY A 72 -7.92 -2.20 20.54
N THR A 73 -7.80 -1.42 19.48
CA THR A 73 -7.85 -1.97 18.13
C THR A 73 -6.60 -1.67 17.31
N ASP A 74 -5.64 -0.98 17.91
CA ASP A 74 -4.45 -0.53 17.19
C ASP A 74 -3.16 -0.97 17.86
N PHE A 75 -2.37 -1.75 17.13
CA PHE A 75 -1.18 -2.36 17.71
C PHE A 75 0.04 -2.29 16.79
N THR A 76 1.22 -2.29 17.40
CA THR A 76 2.45 -2.09 16.66
C THR A 76 3.59 -2.99 17.15
N LEU A 77 4.32 -3.59 16.21
CA LEU A 77 5.54 -4.31 16.54
C LEU A 77 6.74 -3.50 16.08
N LYS A 78 7.67 -3.25 17.00
CA LYS A 78 8.86 -2.47 16.68
C LYS A 78 10.11 -3.32 16.76
N ILE A 79 11.00 -3.15 15.78
CA ILE A 79 12.27 -3.85 15.77
C ILE A 79 13.40 -2.83 15.59
N SER A 80 14.23 -2.68 16.61
CA SER A 80 15.39 -1.80 16.52
C SER A 80 16.62 -2.58 16.10
N SER A 81 17.59 -1.89 15.52
CA SER A 81 18.79 -2.53 14.99
C SER A 81 18.42 -3.85 14.33
N VAL A 82 17.72 -3.77 13.20
CA VAL A 82 17.36 -4.95 12.45
C VAL A 82 18.61 -5.73 12.06
N GLU A 83 18.64 -7.01 12.41
CA GLU A 83 19.70 -7.91 11.98
C GLU A 83 19.19 -8.73 10.80
N ALA A 84 20.09 -9.21 9.97
CA ALA A 84 19.71 -9.98 8.79
C ALA A 84 18.94 -11.24 9.16
N GLU A 85 19.19 -11.74 10.37
CA GLU A 85 18.52 -12.95 10.86
C GLU A 85 17.07 -12.64 11.19
N ASP A 86 16.70 -11.36 11.12
CA ASP A 86 15.35 -10.92 11.42
C ASP A 86 14.41 -11.09 10.24
N LEU A 87 14.98 -11.30 9.05
CA LEU A 87 14.17 -11.36 7.83
C LEU A 87 13.18 -12.52 7.88
N GLY A 88 12.05 -12.33 7.22
CA GLY A 88 11.01 -13.34 7.21
C GLY A 88 9.64 -12.70 7.22
N VAL A 89 8.62 -13.48 7.57
CA VAL A 89 7.25 -12.96 7.61
C VAL A 89 6.75 -12.84 9.04
N TYR A 90 6.31 -11.65 9.41
CA TYR A 90 5.76 -11.38 10.72
C TYR A 90 4.24 -11.46 10.69
N PHE A 91 3.65 -12.08 11.70
CA PHE A 91 2.21 -12.18 11.81
C PHE A 91 1.77 -11.66 13.18
N CYS A 92 0.61 -11.00 13.23
CA CYS A 92 -0.06 -10.78 14.49
C CYS A 92 -1.25 -11.73 14.54
N SER A 93 -1.77 -11.96 15.74
CA SER A 93 -3.01 -12.72 15.90
C SER A 93 -3.68 -12.30 17.20
N GLN A 94 -4.98 -12.57 17.29
CA GLN A 94 -5.71 -12.32 18.52
C GLN A 94 -6.47 -13.57 18.92
N SER A 95 -6.55 -13.81 20.22
CA SER A 95 -7.31 -14.95 20.73
C SER A 95 -8.24 -14.48 21.85
N THR A 96 -8.66 -13.23 21.76
CA THR A 96 -9.65 -12.68 22.67
C THR A 96 -11.01 -13.26 22.30
N HIS A 97 -11.32 -13.21 21.00
CA HIS A 97 -12.46 -13.91 20.44
C HIS A 97 -11.95 -15.11 19.66
N VAL A 98 -12.81 -15.75 18.87
CA VAL A 98 -12.37 -16.84 18.02
C VAL A 98 -11.10 -16.42 17.28
N PRO A 99 -10.02 -17.20 17.45
CA PRO A 99 -8.68 -16.81 17.01
C PRO A 99 -8.57 -16.51 15.51
N THR A 100 -7.91 -15.41 15.18
CA THR A 100 -7.69 -15.01 13.80
C THR A 100 -6.29 -14.44 13.62
N PHE A 101 -5.80 -14.44 12.38
CA PHE A 101 -4.44 -13.99 12.09
C PHE A 101 -4.42 -12.83 11.12
N GLY A 102 -3.39 -11.99 11.26
CA GLY A 102 -3.10 -10.98 10.25
C GLY A 102 -2.55 -11.65 9.02
N GLY A 103 -2.51 -10.93 7.90
CA GLY A 103 -2.05 -11.49 6.64
C GLY A 103 -0.55 -11.50 6.49
N GLY A 104 0.16 -11.02 7.51
CA GLY A 104 1.62 -11.05 7.49
C GLY A 104 2.32 -9.86 6.88
N THR A 105 3.54 -9.62 7.32
CA THR A 105 4.41 -8.59 6.76
C THR A 105 5.77 -9.20 6.48
N LYS A 106 6.24 -9.13 5.25
CA LYS A 106 7.57 -9.66 4.93
C LYS A 106 8.68 -8.63 5.13
N LEU A 107 9.58 -8.92 6.06
CA LEU A 107 10.72 -8.06 6.30
C LEU A 107 11.83 -8.42 5.31
N GLU A 108 12.23 -7.46 4.50
CA GLU A 108 13.31 -7.66 3.54
C GLU A 108 14.51 -6.80 3.89
N ILE A 109 15.69 -7.40 3.88
CA ILE A 109 16.91 -6.67 4.20
C ILE A 109 17.46 -5.95 2.97
N LYS A 110 17.59 -4.63 3.07
CA LYS A 110 18.22 -3.86 2.01
C LYS A 110 19.70 -4.21 1.90
N ARG A 111 20.22 -4.19 0.68
CA ARG A 111 21.64 -4.41 0.44
C ARG A 111 22.04 -3.78 -0.89
N ALA A 112 23.34 -3.73 -1.15
CA ALA A 112 23.92 -2.94 -2.24
C ALA A 112 23.22 -3.00 -3.60
N ASP A 113 23.08 -4.21 -4.13
CA ASP A 113 22.64 -4.46 -5.52
C ASP A 113 23.66 -5.35 -6.20
N ALA A 114 23.22 -6.51 -6.67
CA ALA A 114 24.13 -7.48 -7.26
C ALA A 114 23.58 -8.09 -8.54
N ALA A 115 24.45 -8.25 -9.53
CA ALA A 115 24.07 -8.92 -10.77
C ALA A 115 24.06 -10.41 -10.54
N PRO A 116 23.11 -11.11 -11.18
CA PRO A 116 22.99 -12.57 -11.05
C PRO A 116 24.16 -13.28 -11.70
N THR A 117 24.53 -14.44 -11.15
CA THR A 117 25.45 -15.33 -11.84
C THR A 117 24.61 -16.36 -12.58
N VAL A 118 24.70 -16.37 -13.90
CA VAL A 118 23.83 -17.19 -14.73
C VAL A 118 24.51 -18.47 -15.23
N SER A 119 23.81 -19.59 -15.12
CA SER A 119 24.31 -20.89 -15.56
C SER A 119 23.25 -21.61 -16.38
N ILE A 120 23.62 -22.08 -17.56
CA ILE A 120 22.68 -22.82 -18.41
C ILE A 120 23.08 -24.29 -18.51
N PHE A 121 22.09 -25.16 -18.55
CA PHE A 121 22.32 -26.61 -18.58
C PHE A 121 21.49 -27.31 -19.63
N PRO A 122 22.15 -28.02 -20.55
CA PRO A 122 21.46 -28.81 -21.56
C PRO A 122 20.67 -29.94 -20.92
N PRO A 123 19.72 -30.53 -21.65
CA PRO A 123 19.04 -31.74 -21.20
C PRO A 123 20.06 -32.84 -20.94
N SER A 124 19.86 -33.61 -19.87
CA SER A 124 20.77 -34.70 -19.53
C SER A 124 20.54 -35.92 -20.42
N SER A 125 21.58 -36.72 -20.62
CA SER A 125 21.46 -37.96 -21.38
C SER A 125 20.28 -38.78 -20.86
N GLU A 126 20.14 -38.83 -19.54
CA GLU A 126 19.11 -39.62 -18.89
C GLU A 126 17.71 -39.22 -19.34
N GLN A 127 17.44 -37.91 -19.37
CA GLN A 127 16.12 -37.42 -19.78
C GLN A 127 15.87 -37.63 -21.26
N LEU A 128 16.86 -37.31 -22.09
CA LEU A 128 16.74 -37.49 -23.54
C LEU A 128 16.42 -38.95 -23.87
N THR A 129 17.14 -39.86 -23.24
CA THR A 129 16.95 -41.29 -23.49
C THR A 129 15.59 -41.78 -23.02
N SER A 130 14.81 -40.90 -22.41
CA SER A 130 13.45 -41.25 -21.98
C SER A 130 12.42 -40.48 -22.79
N GLY A 131 12.89 -39.68 -23.75
CA GLY A 131 12.01 -38.98 -24.66
C GLY A 131 11.64 -37.58 -24.22
N GLY A 132 12.30 -37.07 -23.19
CA GLY A 132 11.99 -35.77 -22.65
C GLY A 132 13.14 -34.78 -22.78
N ALA A 133 12.82 -33.49 -22.76
CA ALA A 133 13.84 -32.47 -22.89
C ALA A 133 13.57 -31.26 -22.00
N SER A 134 14.49 -30.99 -21.08
CA SER A 134 14.40 -29.81 -20.24
C SER A 134 15.71 -29.06 -20.27
N VAL A 135 15.64 -27.75 -20.51
CA VAL A 135 16.81 -26.90 -20.45
C VAL A 135 16.69 -26.06 -19.19
N VAL A 136 17.78 -26.00 -18.42
CA VAL A 136 17.73 -25.34 -17.12
C VAL A 136 18.67 -24.16 -17.04
N CYS A 137 18.23 -23.12 -16.34
CA CYS A 137 19.03 -21.93 -16.17
C CYS A 137 18.94 -21.40 -14.74
N PHE A 138 20.08 -21.29 -14.08
CA PHE A 138 20.14 -20.79 -12.71
C PHE A 138 20.61 -19.34 -12.66
N LEU A 139 19.86 -18.50 -11.96
CA LEU A 139 20.25 -17.12 -11.71
C LEU A 139 20.49 -16.94 -10.21
N ASN A 140 21.75 -16.89 -9.81
CA ASN A 140 22.09 -16.94 -8.38
C ASN A 140 22.64 -15.64 -7.79
N ASN A 141 22.31 -15.42 -6.52
CA ASN A 141 22.89 -14.34 -5.73
C ASN A 141 22.74 -12.95 -6.33
N PHE A 142 21.51 -12.59 -6.68
CA PHE A 142 21.24 -11.26 -7.22
C PHE A 142 20.38 -10.42 -6.27
N TYR A 143 20.45 -9.11 -6.48
CA TYR A 143 19.63 -8.14 -5.75
C TYR A 143 19.46 -6.90 -6.61
N PRO A 144 18.25 -6.31 -6.61
CA PRO A 144 17.05 -6.68 -5.84
C PRO A 144 16.34 -7.90 -6.42
N LYS A 145 15.13 -8.17 -5.94
CA LYS A 145 14.48 -9.45 -6.21
C LYS A 145 13.82 -9.62 -7.58
N ASP A 146 13.37 -8.53 -8.18
CA ASP A 146 12.75 -8.60 -9.49
C ASP A 146 13.76 -8.92 -10.59
N ILE A 147 13.38 -9.81 -11.49
CA ILE A 147 14.25 -10.20 -12.59
C ILE A 147 13.46 -10.78 -13.74
N ASN A 148 13.93 -10.56 -14.96
CA ASN A 148 13.27 -11.08 -16.15
C ASN A 148 14.11 -12.13 -16.87
N VAL A 149 13.53 -13.30 -17.09
CA VAL A 149 14.21 -14.34 -17.86
C VAL A 149 13.45 -14.61 -19.15
N LYS A 150 14.14 -14.43 -20.27
CA LYS A 150 13.58 -14.78 -21.57
C LYS A 150 14.33 -15.96 -22.15
N TRP A 151 13.58 -16.97 -22.59
CA TRP A 151 14.17 -18.12 -23.28
C TRP A 151 14.10 -17.93 -24.79
N LYS A 152 15.25 -18.11 -25.45
CA LYS A 152 15.29 -18.02 -26.90
C LYS A 152 15.80 -19.32 -27.51
N ILE A 153 15.05 -19.86 -28.46
CA ILE A 153 15.47 -21.03 -29.22
C ILE A 153 15.70 -20.65 -30.67
N ASP A 154 16.97 -20.69 -31.09
CA ASP A 154 17.34 -20.25 -32.44
C ASP A 154 16.96 -18.80 -32.66
N GLY A 155 17.18 -17.97 -31.65
CA GLY A 155 16.95 -16.54 -31.75
C GLY A 155 15.54 -16.12 -31.44
N SER A 156 14.59 -17.05 -31.56
CA SER A 156 13.17 -16.75 -31.34
C SER A 156 12.74 -17.05 -29.91
N GLU A 157 11.96 -16.14 -29.34
CA GLU A 157 11.50 -16.27 -27.95
C GLU A 157 10.58 -17.47 -27.78
N ARG A 158 10.58 -18.03 -26.57
CA ARG A 158 9.80 -19.22 -26.26
C ARG A 158 9.28 -19.12 -24.84
N GLN A 159 8.00 -18.80 -24.68
CA GLN A 159 7.44 -18.56 -23.35
C GLN A 159 6.56 -19.68 -22.79
N ASN A 160 5.93 -20.46 -23.66
CA ASN A 160 5.14 -21.60 -23.19
C ASN A 160 6.03 -22.76 -22.74
N GLY A 161 5.69 -23.34 -21.59
CA GLY A 161 6.43 -24.48 -21.07
C GLY A 161 7.59 -24.08 -20.18
N VAL A 162 7.48 -22.90 -19.57
CA VAL A 162 8.54 -22.39 -18.70
C VAL A 162 8.14 -22.47 -17.24
N LEU A 163 9.01 -23.04 -16.42
CA LEU A 163 8.76 -23.20 -14.99
C LEU A 163 9.76 -22.37 -14.20
N ASN A 164 9.24 -21.42 -13.43
CA ASN A 164 10.10 -20.53 -12.64
C ASN A 164 9.92 -20.68 -11.13
N SER A 165 10.99 -20.45 -10.38
CA SER A 165 10.95 -20.58 -8.94
C SER A 165 12.03 -19.71 -8.29
N TRP A 166 11.63 -18.98 -7.26
CA TRP A 166 12.54 -18.09 -6.55
C TRP A 166 12.75 -18.59 -5.13
N THR A 167 13.96 -18.45 -4.62
CA THR A 167 14.22 -18.70 -3.22
C THR A 167 13.74 -17.50 -2.41
N ASP A 168 13.58 -17.70 -1.10
CA ASP A 168 13.35 -16.57 -0.21
C ASP A 168 14.68 -15.83 -0.08
N GLN A 169 14.67 -14.68 0.58
CA GLN A 169 15.90 -13.94 0.79
C GLN A 169 16.85 -14.74 1.66
N ASP A 170 18.11 -14.79 1.24
CA ASP A 170 19.14 -15.50 1.98
C ASP A 170 19.76 -14.59 3.03
N SER A 171 19.61 -14.95 4.31
CA SER A 171 20.12 -14.10 5.38
C SER A 171 21.65 -14.05 5.45
N LYS A 172 22.31 -14.96 4.74
CA LYS A 172 23.77 -14.98 4.71
C LYS A 172 24.36 -13.79 3.94
N ASP A 173 23.76 -13.45 2.80
CA ASP A 173 24.26 -12.35 1.98
C ASP A 173 23.13 -11.43 1.49
N SER A 174 21.91 -11.73 1.90
CA SER A 174 20.73 -10.91 1.61
C SER A 174 20.32 -10.87 0.13
N THR A 175 20.73 -11.88 -0.64
CA THR A 175 20.38 -11.92 -2.06
C THR A 175 19.28 -12.93 -2.36
N TYR A 176 18.91 -13.01 -3.64
CA TYR A 176 17.91 -13.96 -4.10
C TYR A 176 18.47 -14.82 -5.22
N SER A 177 17.95 -16.03 -5.34
CA SER A 177 18.28 -16.89 -6.46
C SER A 177 17.01 -17.33 -7.18
N MET A 178 17.14 -17.72 -8.44
CA MET A 178 16.01 -18.12 -9.25
C MET A 178 16.37 -19.25 -10.21
N SER A 179 15.43 -20.16 -10.43
CA SER A 179 15.61 -21.24 -11.38
C SER A 179 14.56 -21.16 -12.47
N SER A 180 15.00 -21.28 -13.71
CA SER A 180 14.08 -21.28 -14.85
C SER A 180 14.26 -22.57 -15.64
N THR A 181 13.16 -23.28 -15.86
CA THR A 181 13.23 -24.55 -16.57
C THR A 181 12.29 -24.57 -17.79
N LEU A 182 12.89 -24.68 -18.96
CA LEU A 182 12.14 -24.78 -20.21
C LEU A 182 12.03 -26.25 -20.63
N THR A 183 10.80 -26.76 -20.65
CA THR A 183 10.58 -28.15 -21.04
C THR A 183 10.02 -28.29 -22.44
N LEU A 184 10.75 -29.00 -23.30
CA LEU A 184 10.31 -29.29 -24.66
C LEU A 184 10.17 -30.79 -24.82
N THR A 185 9.51 -31.21 -25.90
CA THR A 185 9.55 -32.62 -26.29
C THR A 185 10.96 -32.86 -26.84
N LYS A 186 11.39 -34.11 -26.82
CA LYS A 186 12.74 -34.45 -27.28
C LYS A 186 12.92 -34.13 -28.77
N ASP A 187 11.95 -34.53 -29.57
CA ASP A 187 12.00 -34.28 -31.01
C ASP A 187 12.09 -32.79 -31.30
N GLU A 188 11.27 -32.01 -30.60
CA GLU A 188 11.29 -30.56 -30.75
C GLU A 188 12.65 -29.99 -30.36
N TYR A 189 13.24 -30.57 -29.33
CA TYR A 189 14.56 -30.12 -28.87
C TYR A 189 15.63 -30.42 -29.91
N GLU A 190 15.53 -31.59 -30.53
CA GLU A 190 16.53 -32.02 -31.50
C GLU A 190 16.34 -31.38 -32.87
N ARG A 191 15.28 -30.59 -33.00
CA ARG A 191 15.01 -29.86 -34.24
C ARG A 191 15.68 -28.49 -34.27
N HIS A 192 16.21 -28.08 -33.11
CA HIS A 192 16.91 -26.80 -33.00
C HIS A 192 18.30 -27.02 -32.41
N ASN A 193 19.16 -26.00 -32.48
CA ASN A 193 20.50 -26.17 -31.94
C ASN A 193 20.99 -25.02 -31.04
N SER A 194 20.42 -23.84 -31.19
CA SER A 194 20.80 -22.71 -30.34
C SER A 194 19.82 -22.48 -29.20
N TYR A 195 20.31 -22.53 -27.97
CA TYR A 195 19.47 -22.35 -26.79
C TYR A 195 20.01 -21.27 -25.87
N THR A 196 19.16 -20.29 -25.57
CA THR A 196 19.62 -19.09 -24.89
C THR A 196 18.78 -18.75 -23.65
N CYS A 197 19.48 -18.50 -22.56
CA CYS A 197 18.89 -18.00 -21.33
C CYS A 197 19.24 -16.53 -21.22
N GLU A 198 18.23 -15.67 -21.10
CA GLU A 198 18.45 -14.24 -21.14
C GLU A 198 17.93 -13.54 -19.88
N ALA A 199 18.84 -12.99 -19.10
CA ALA A 199 18.48 -12.38 -17.82
C ALA A 199 18.58 -10.86 -17.83
N THR A 200 17.43 -10.21 -17.74
CA THR A 200 17.40 -8.76 -17.62
C THR A 200 17.16 -8.36 -16.18
N HIS A 201 18.08 -7.60 -15.61
CA HIS A 201 18.04 -7.22 -14.20
C HIS A 201 18.40 -5.74 -14.01
N LYS A 202 17.91 -5.15 -12.93
CA LYS A 202 18.14 -3.74 -12.65
C LYS A 202 19.59 -3.33 -12.80
N THR A 203 20.51 -4.27 -12.52
CA THR A 203 21.92 -3.93 -12.41
C THR A 203 22.66 -3.74 -13.73
N SER A 204 21.95 -3.76 -14.85
CA SER A 204 22.60 -3.58 -16.15
C SER A 204 21.65 -3.18 -17.27
N THR A 205 22.13 -2.28 -18.12
CA THR A 205 21.33 -1.76 -19.22
C THR A 205 21.03 -2.84 -20.25
N SER A 206 21.84 -3.90 -20.24
CA SER A 206 21.67 -5.01 -21.19
C SER A 206 21.62 -6.34 -20.45
N PRO A 207 20.97 -7.34 -21.07
CA PRO A 207 20.75 -8.65 -20.45
C PRO A 207 22.03 -9.45 -20.29
N ILE A 208 22.13 -10.22 -19.22
CA ILE A 208 23.18 -11.23 -19.12
C ILE A 208 22.70 -12.43 -19.92
N VAL A 209 23.51 -12.85 -20.90
CA VAL A 209 23.09 -13.91 -21.80
C VAL A 209 23.95 -15.16 -21.64
N LYS A 210 23.29 -16.31 -21.65
CA LYS A 210 23.99 -17.59 -21.57
C LYS A 210 23.38 -18.54 -22.58
N SER A 211 24.22 -19.23 -23.34
CA SER A 211 23.73 -20.08 -24.42
C SER A 211 24.55 -21.35 -24.59
N PHE A 212 23.99 -22.32 -25.31
CA PHE A 212 24.76 -23.45 -25.78
C PHE A 212 24.26 -23.88 -27.16
N ASN A 213 25.11 -24.55 -27.91
CA ASN A 213 24.75 -25.10 -29.20
C ASN A 213 24.76 -26.62 -29.19
N ARG A 214 23.63 -27.24 -29.44
CA ARG A 214 23.64 -28.67 -29.73
C ARG A 214 24.67 -28.79 -30.85
N GLU A 215 25.40 -29.90 -30.88
CA GLU A 215 26.50 -30.06 -31.82
C GLU A 215 27.59 -29.04 -31.51
N GLN B 1 13.71 -28.96 27.20
CA GLN B 1 13.64 -28.52 25.82
C GLN B 1 12.30 -28.92 25.22
N VAL B 2 11.46 -27.93 24.91
CA VAL B 2 10.13 -28.20 24.39
C VAL B 2 10.18 -28.69 22.95
N GLN B 3 9.54 -29.82 22.70
CA GLN B 3 9.47 -30.38 21.35
C GLN B 3 8.04 -30.75 20.97
N LEU B 4 7.67 -30.42 19.74
CA LEU B 4 6.37 -30.75 19.17
C LEU B 4 6.62 -31.32 17.78
N GLN B 5 6.20 -32.56 17.54
CA GLN B 5 6.40 -33.19 16.24
C GLN B 5 5.08 -33.68 15.66
N GLN B 6 4.68 -33.11 14.53
CA GLN B 6 3.48 -33.55 13.84
C GLN B 6 3.81 -34.73 12.93
N SER B 7 2.80 -35.52 12.61
CA SER B 7 2.98 -36.62 11.65
C SER B 7 1.64 -37.15 11.17
N GLY B 8 1.67 -37.93 10.10
CA GLY B 8 0.47 -38.60 9.62
C GLY B 8 -0.23 -37.92 8.46
N GLY B 9 0.31 -36.80 7.99
CA GLY B 9 -0.29 -36.09 6.88
C GLY B 9 -0.06 -36.80 5.56
N GLY B 10 -0.43 -36.15 4.46
CA GLY B 10 -0.15 -36.71 3.15
C GLY B 10 -1.22 -36.42 2.11
N LEU B 11 -1.37 -37.34 1.17
CA LEU B 11 -2.29 -37.19 0.05
C LEU B 11 -3.58 -37.96 0.29
N VAL B 12 -4.71 -37.29 0.12
CA VAL B 12 -6.01 -37.95 0.17
C VAL B 12 -6.94 -37.40 -0.90
N GLN B 13 -7.88 -38.22 -1.35
CA GLN B 13 -8.85 -37.81 -2.35
C GLN B 13 -9.96 -37.01 -1.68
N PRO B 14 -10.53 -36.05 -2.42
CA PRO B 14 -11.65 -35.27 -1.89
C PRO B 14 -12.74 -36.18 -1.34
N GLY B 15 -13.32 -35.80 -0.20
CA GLY B 15 -14.31 -36.62 0.45
C GLY B 15 -13.67 -37.65 1.36
N GLY B 16 -12.34 -37.73 1.29
CA GLY B 16 -11.60 -38.72 2.07
C GLY B 16 -11.43 -38.34 3.54
N SER B 17 -10.87 -39.27 4.30
CA SER B 17 -10.58 -39.03 5.70
C SER B 17 -9.09 -39.13 5.96
N MET B 18 -8.63 -38.48 7.02
CA MET B 18 -7.22 -38.53 7.41
C MET B 18 -7.06 -38.15 8.88
N LYS B 19 -6.13 -38.81 9.56
CA LYS B 19 -5.82 -38.43 10.92
C LYS B 19 -4.36 -38.03 11.04
N ILE B 20 -4.12 -36.88 11.66
CA ILE B 20 -2.76 -36.44 11.93
C ILE B 20 -2.52 -36.33 13.44
N PHE B 21 -1.24 -36.34 13.82
CA PHE B 21 -0.89 -36.46 15.22
C PHE B 21 0.15 -35.44 15.63
N CYS B 22 0.19 -35.16 16.93
CA CYS B 22 1.24 -34.33 17.48
C CYS B 22 1.77 -35.01 18.73
N ALA B 23 3.08 -35.23 18.75
CA ALA B 23 3.75 -35.80 19.91
C ALA B 23 4.60 -34.71 20.57
N ALA B 24 4.50 -34.60 21.89
CA ALA B 24 5.19 -33.54 22.62
C ALA B 24 6.14 -34.07 23.68
N SER B 25 7.05 -33.21 24.12
CA SER B 25 7.96 -33.51 25.22
C SER B 25 8.61 -32.22 25.71
N GLY B 26 9.05 -32.23 26.96
CA GLY B 26 9.76 -31.09 27.51
C GLY B 26 8.92 -30.19 28.40
N PHE B 27 7.64 -30.53 28.55
CA PHE B 27 6.74 -29.74 29.38
C PHE B 27 5.59 -30.58 29.93
N THR B 28 4.91 -30.04 30.93
CA THR B 28 3.77 -30.73 31.52
C THR B 28 2.58 -30.64 30.58
N PHE B 29 2.37 -31.68 29.79
CA PHE B 29 1.38 -31.67 28.72
C PHE B 29 -0.03 -31.32 29.20
N SER B 30 -0.43 -31.84 30.35
CA SER B 30 -1.79 -31.62 30.86
C SER B 30 -2.07 -30.15 31.19
N ASP B 31 -1.03 -29.40 31.49
CA ASP B 31 -1.18 -27.97 31.78
C ASP B 31 -1.30 -27.12 30.52
N ALA B 32 -1.16 -27.75 29.36
CA ALA B 32 -1.01 -26.99 28.11
C ALA B 32 -2.29 -26.83 27.27
N TRP B 33 -2.54 -25.58 26.87
CA TRP B 33 -3.56 -25.26 25.89
C TRP B 33 -3.00 -25.62 24.52
N MET B 34 -3.64 -26.55 23.81
CA MET B 34 -3.15 -26.99 22.51
C MET B 34 -4.03 -26.52 21.36
N ASP B 35 -3.42 -26.21 20.23
CA ASP B 35 -4.13 -25.80 19.02
C ASP B 35 -3.62 -26.53 17.77
N TRP B 36 -4.49 -26.64 16.77
CA TRP B 36 -4.06 -26.96 15.42
C TRP B 36 -4.22 -25.71 14.55
N VAL B 37 -3.17 -25.35 13.82
CA VAL B 37 -3.21 -24.19 12.94
C VAL B 37 -2.68 -24.57 11.58
N ARG B 38 -3.40 -24.22 10.52
CA ARG B 38 -2.97 -24.55 9.17
C ARG B 38 -2.59 -23.31 8.36
N GLN B 39 -1.84 -23.54 7.28
CA GLN B 39 -1.33 -22.46 6.45
C GLN B 39 -1.34 -22.86 4.99
N SER B 40 -1.82 -21.95 4.15
CA SER B 40 -1.78 -22.15 2.69
C SER B 40 -1.60 -20.80 1.99
N PRO B 41 -1.14 -20.84 0.72
CA PRO B 41 -0.96 -19.61 -0.06
C PRO B 41 -2.21 -18.74 -0.01
N GLU B 42 -3.36 -19.35 -0.27
CA GLU B 42 -4.65 -18.69 -0.06
C GLU B 42 -4.99 -18.81 1.42
N LYS B 43 -5.79 -17.88 1.93
CA LYS B 43 -6.22 -17.93 3.33
C LYS B 43 -5.09 -17.69 4.35
N GLY B 44 -3.85 -18.04 4.01
CA GLY B 44 -2.74 -17.86 4.92
C GLY B 44 -2.86 -18.77 6.14
N LEU B 45 -2.60 -18.21 7.32
CA LEU B 45 -2.72 -18.97 8.58
C LEU B 45 -4.16 -18.92 9.10
N GLU B 46 -4.79 -20.08 9.26
CA GLU B 46 -6.08 -20.14 9.92
C GLU B 46 -6.03 -21.06 11.12
N TRP B 47 -6.56 -20.59 12.23
CA TRP B 47 -6.79 -21.44 13.38
C TRP B 47 -7.80 -22.50 13.00
N VAL B 48 -7.52 -23.75 13.35
CA VAL B 48 -8.38 -24.86 12.96
C VAL B 48 -9.20 -25.38 14.13
N ALA B 49 -8.53 -25.67 15.24
CA ALA B 49 -9.19 -26.28 16.38
C ALA B 49 -8.34 -26.15 17.64
N GLU B 50 -8.99 -26.30 18.79
CA GLU B 50 -8.28 -26.19 20.06
C GLU B 50 -8.80 -27.23 21.04
N ILE B 51 -7.96 -27.58 22.01
CA ILE B 51 -8.37 -28.46 23.09
C ILE B 51 -7.65 -27.96 24.33
N ARG B 52 -8.41 -27.73 25.39
CA ARG B 52 -7.89 -27.03 26.55
C ARG B 52 -7.33 -27.93 27.66
N ASN B 53 -6.69 -27.27 28.62
CA ASN B 53 -6.22 -27.86 29.88
C ASN B 53 -7.00 -29.04 30.41
N LYS B 54 -6.34 -29.84 31.24
CA LYS B 54 -7.05 -30.77 32.09
C LYS B 54 -7.88 -29.94 33.07
N ALA B 55 -7.30 -28.84 33.55
CA ALA B 55 -7.99 -27.93 34.44
C ALA B 55 -9.30 -27.45 33.83
N ASN B 56 -9.35 -27.36 32.52
CA ASN B 56 -10.56 -26.95 31.82
C ASN B 56 -11.26 -28.15 31.18
N ASN B 57 -10.97 -29.33 31.72
CA ASN B 57 -11.61 -30.58 31.30
C ASN B 57 -11.52 -30.89 29.79
N HIS B 58 -10.41 -30.50 29.17
CA HIS B 58 -10.15 -30.81 27.76
C HIS B 58 -11.23 -30.29 26.80
N GLU B 59 -11.84 -29.15 27.14
CA GLU B 59 -12.85 -28.57 26.27
C GLU B 59 -12.30 -28.28 24.87
N THR B 60 -13.13 -28.48 23.86
CA THR B 60 -12.69 -28.38 22.48
C THR B 60 -13.49 -27.37 21.67
N TYR B 61 -12.80 -26.68 20.76
CA TYR B 61 -13.45 -25.73 19.86
C TYR B 61 -12.91 -25.87 18.45
N TYR B 62 -13.73 -25.52 17.47
CA TYR B 62 -13.37 -25.68 16.07
C TYR B 62 -13.61 -24.41 15.26
N ALA B 63 -12.82 -24.22 14.22
CA ALA B 63 -13.12 -23.20 13.23
C ALA B 63 -14.44 -23.56 12.59
N GLU B 64 -15.20 -22.55 12.18
CA GLU B 64 -16.54 -22.77 11.64
C GLU B 64 -16.52 -23.59 10.35
N SER B 65 -15.43 -23.50 9.59
CA SER B 65 -15.34 -24.16 8.30
C SER B 65 -15.02 -25.66 8.41
N VAL B 66 -14.61 -26.10 9.59
CA VAL B 66 -14.31 -27.52 9.79
C VAL B 66 -15.23 -28.15 10.82
N LYS B 67 -16.10 -27.33 11.41
CA LYS B 67 -17.04 -27.78 12.43
C LYS B 67 -17.87 -28.96 11.95
N GLY B 68 -17.78 -30.08 12.67
CA GLY B 68 -18.55 -31.26 12.34
C GLY B 68 -17.77 -32.27 11.51
N ARG B 69 -16.73 -31.81 10.83
CA ARG B 69 -15.90 -32.69 10.00
C ARG B 69 -14.63 -33.11 10.72
N PHE B 70 -14.15 -32.26 11.63
CA PHE B 70 -12.90 -32.49 12.34
C PHE B 70 -13.16 -32.84 13.80
N THR B 71 -12.31 -33.68 14.37
CA THR B 71 -12.40 -34.02 15.78
C THR B 71 -11.02 -33.93 16.43
N ILE B 72 -10.91 -33.11 17.46
CA ILE B 72 -9.64 -32.96 18.17
C ILE B 72 -9.65 -33.76 19.47
N THR B 73 -8.53 -34.41 19.77
CA THR B 73 -8.45 -35.35 20.87
C THR B 73 -7.06 -35.30 21.48
N ARG B 74 -6.95 -35.61 22.78
CA ARG B 74 -5.64 -35.63 23.43
C ARG B 74 -5.51 -36.75 24.45
N ASP B 75 -4.27 -37.09 24.77
CA ASP B 75 -3.98 -38.06 25.80
C ASP B 75 -2.79 -37.49 26.58
N ASP B 76 -3.06 -36.98 27.77
CA ASP B 76 -2.03 -36.31 28.54
C ASP B 76 -0.95 -37.27 29.02
N SER B 77 -1.34 -38.49 29.36
CA SER B 77 -0.38 -39.48 29.85
C SER B 77 0.65 -39.83 28.78
N LYS B 78 0.28 -39.60 27.51
CA LYS B 78 1.16 -39.90 26.40
C LYS B 78 1.72 -38.64 25.73
N SER B 79 1.48 -37.48 26.35
CA SER B 79 1.88 -36.21 25.77
C SER B 79 1.57 -36.17 24.28
N ARG B 80 0.32 -36.43 23.93
CA ARG B 80 -0.07 -36.59 22.55
C ARG B 80 -1.45 -35.99 22.30
N MET B 81 -1.63 -35.43 21.10
CA MET B 81 -2.96 -35.04 20.67
C MET B 81 -3.09 -35.38 19.19
N SER B 82 -4.33 -35.43 18.71
CA SER B 82 -4.57 -35.83 17.32
C SER B 82 -5.76 -35.07 16.73
N LEU B 83 -5.80 -35.01 15.40
CA LEU B 83 -6.91 -34.38 14.71
C LEU B 83 -7.46 -35.33 13.64
N GLN B 84 -8.72 -35.73 13.80
CA GLN B 84 -9.36 -36.60 12.83
C GLN B 84 -10.16 -35.76 11.86
N MET B 85 -9.86 -35.90 10.57
CA MET B 85 -10.51 -35.08 9.55
C MET B 85 -11.33 -35.93 8.60
N ASN B 86 -12.60 -35.59 8.45
CA ASN B 86 -13.51 -36.30 7.56
C ASN B 86 -14.04 -35.40 6.45
N SER B 87 -14.37 -36.01 5.32
CA SER B 87 -14.89 -35.27 4.18
C SER B 87 -14.01 -34.07 3.84
N LEU B 88 -12.75 -34.35 3.54
CA LEU B 88 -11.79 -33.30 3.20
C LEU B 88 -12.11 -32.66 1.86
N ARG B 89 -11.87 -31.36 1.77
CA ARG B 89 -12.08 -30.63 0.52
C ARG B 89 -10.76 -30.06 0.05
N ALA B 90 -10.70 -29.69 -1.23
CA ALA B 90 -9.50 -29.10 -1.79
C ALA B 90 -8.96 -27.95 -0.92
N GLU B 91 -9.85 -27.19 -0.31
CA GLU B 91 -9.43 -26.04 0.48
C GLU B 91 -9.01 -26.41 1.91
N ASP B 92 -9.08 -27.69 2.23
CA ASP B 92 -8.51 -28.18 3.49
C ASP B 92 -7.01 -28.41 3.33
N THR B 93 -6.53 -28.27 2.10
CA THR B 93 -5.12 -28.45 1.79
C THR B 93 -4.26 -27.36 2.42
N GLY B 94 -3.12 -27.76 2.99
CA GLY B 94 -2.19 -26.81 3.57
C GLY B 94 -1.21 -27.45 4.54
N ILE B 95 -0.44 -26.62 5.20
CA ILE B 95 0.49 -27.08 6.22
C ILE B 95 -0.18 -27.00 7.58
N TYR B 96 -0.24 -28.13 8.27
CA TYR B 96 -0.87 -28.17 9.58
C TYR B 96 0.17 -28.21 10.71
N TYR B 97 0.11 -27.19 11.57
CA TYR B 97 1.01 -27.09 12.71
C TYR B 97 0.34 -27.52 14.00
N CYS B 98 1.11 -28.22 14.84
CA CYS B 98 0.75 -28.45 16.23
C CYS B 98 1.30 -27.28 17.04
N SER B 99 0.53 -26.79 18.00
CA SER B 99 0.94 -25.61 18.76
C SER B 99 0.37 -25.64 20.17
N GLY B 100 1.13 -25.16 21.15
CA GLY B 100 0.65 -25.14 22.51
C GLY B 100 1.62 -24.64 23.57
N GLY B 101 1.18 -24.72 24.82
CA GLY B 101 1.97 -24.32 25.96
C GLY B 101 1.10 -23.82 27.10
N LYS B 102 1.69 -23.65 28.28
CA LYS B 102 1.00 -22.99 29.38
C LYS B 102 0.55 -21.64 28.85
N VAL B 103 1.42 -21.02 28.06
CA VAL B 103 1.07 -19.83 27.32
C VAL B 103 0.60 -20.30 25.93
N ARG B 104 -0.59 -19.84 25.53
CA ARG B 104 -1.18 -20.27 24.27
C ARG B 104 -0.28 -19.95 23.08
N ASN B 105 -0.08 -20.95 22.21
CA ASN B 105 0.71 -20.78 21.00
C ASN B 105 2.19 -20.48 21.25
N ALA B 106 2.69 -20.82 22.43
CA ALA B 106 4.09 -20.57 22.75
C ALA B 106 5.04 -21.37 21.85
N TYR B 107 4.70 -22.62 21.59
CA TYR B 107 5.55 -23.48 20.77
C TYR B 107 4.84 -24.02 19.53
N TRP B 108 5.61 -24.20 18.45
CA TRP B 108 5.06 -24.69 17.19
C TRP B 108 5.96 -25.78 16.64
N GLY B 109 5.35 -26.84 16.11
CA GLY B 109 6.10 -27.90 15.45
C GLY B 109 6.51 -27.53 14.04
N GLN B 110 7.12 -28.48 13.33
CA GLN B 110 7.56 -28.27 11.96
C GLN B 110 6.37 -28.28 11.01
N GLY B 111 5.27 -28.84 11.48
CA GLY B 111 4.08 -28.96 10.67
C GLY B 111 4.09 -30.24 9.86
N THR B 112 2.91 -30.67 9.42
CA THR B 112 2.80 -31.79 8.51
C THR B 112 1.88 -31.42 7.35
N THR B 113 2.22 -31.88 6.15
CA THR B 113 1.46 -31.50 4.96
C THR B 113 0.22 -32.35 4.74
N VAL B 114 -0.91 -31.67 4.56
CA VAL B 114 -2.15 -32.33 4.19
C VAL B 114 -2.55 -31.85 2.81
N THR B 115 -2.62 -32.76 1.86
CA THR B 115 -2.97 -32.40 0.49
C THR B 115 -4.11 -33.26 -0.05
N VAL B 116 -5.24 -32.62 -0.35
CA VAL B 116 -6.42 -33.32 -0.87
C VAL B 116 -6.55 -33.10 -2.38
N SER B 117 -6.72 -34.22 -3.09
CA SER B 117 -6.09 -34.41 -4.40
C SER B 117 -6.96 -34.60 -5.62
N SER B 118 -7.17 -35.88 -5.92
CA SER B 118 -7.61 -36.37 -7.22
C SER B 118 -6.39 -36.78 -8.06
N LYS B 119 -5.35 -35.95 -8.02
CA LYS B 119 -4.12 -36.22 -8.79
C LYS B 119 -3.41 -37.48 -8.32
N THR B 120 -2.74 -38.17 -9.23
CA THR B 120 -2.09 -39.44 -8.91
C THR B 120 -0.66 -39.28 -8.39
N THR B 121 -0.34 -40.01 -7.31
CA THR B 121 1.02 -39.99 -6.78
C THR B 121 2.01 -40.54 -7.81
N LYS B 122 3.13 -39.85 -7.96
CA LYS B 122 4.04 -40.09 -9.07
C LYS B 122 5.49 -39.97 -8.60
N ALA B 123 6.30 -40.96 -8.94
CA ALA B 123 7.73 -40.91 -8.63
C ALA B 123 8.41 -39.87 -9.49
N PRO B 124 9.37 -39.13 -8.93
CA PRO B 124 10.10 -38.12 -9.70
C PRO B 124 11.17 -38.75 -10.58
N SER B 125 11.61 -38.03 -11.60
CA SER B 125 12.81 -38.41 -12.33
C SER B 125 13.92 -37.45 -11.91
N VAL B 126 15.05 -38.00 -11.49
CA VAL B 126 16.18 -37.18 -11.05
C VAL B 126 17.26 -37.11 -12.12
N TYR B 127 17.51 -35.90 -12.63
CA TYR B 127 18.51 -35.71 -13.68
C TYR B 127 19.67 -34.85 -13.18
N PRO B 128 20.89 -35.33 -13.39
CA PRO B 128 22.10 -34.58 -13.03
C PRO B 128 22.32 -33.45 -14.03
N LEU B 129 22.69 -32.27 -13.54
CA LEU B 129 22.94 -31.14 -14.41
C LEU B 129 24.43 -30.79 -14.43
N ALA B 130 25.14 -31.31 -15.43
CA ALA B 130 26.56 -31.02 -15.60
C ALA B 130 26.73 -29.79 -16.46
N PRO B 131 27.76 -28.98 -16.18
CA PRO B 131 28.02 -27.70 -16.85
C PRO B 131 28.25 -27.84 -18.35
N VAL B 132 27.90 -26.78 -19.09
CA VAL B 132 28.17 -26.70 -20.51
C VAL B 132 29.65 -26.92 -20.80
N SER B 140 33.31 -20.73 -8.93
CA SER B 140 34.08 -21.18 -10.09
C SER B 140 33.22 -21.99 -11.06
N VAL B 141 32.69 -23.12 -10.58
CA VAL B 141 31.83 -23.96 -11.42
C VAL B 141 30.53 -24.32 -10.71
N THR B 142 29.42 -24.23 -11.44
CA THR B 142 28.10 -24.50 -10.88
C THR B 142 27.48 -25.78 -11.43
N LEU B 143 27.03 -26.65 -10.52
CA LEU B 143 26.37 -27.89 -10.89
C LEU B 143 24.90 -27.83 -10.49
N GLY B 144 24.09 -28.72 -11.07
CA GLY B 144 22.66 -28.70 -10.80
C GLY B 144 22.03 -30.07 -10.69
N CYS B 145 20.81 -30.10 -10.16
CA CYS B 145 20.04 -31.33 -10.04
C CYS B 145 18.59 -30.98 -10.33
N LEU B 146 17.99 -31.70 -11.27
CA LEU B 146 16.60 -31.44 -11.64
C LEU B 146 15.71 -32.60 -11.23
N VAL B 147 14.68 -32.30 -10.45
CA VAL B 147 13.74 -33.31 -9.97
C VAL B 147 12.39 -33.05 -10.63
N LYS B 148 12.01 -33.92 -11.56
CA LYS B 148 10.89 -33.61 -12.44
C LYS B 148 9.72 -34.60 -12.39
N GLY B 149 8.52 -34.04 -12.45
CA GLY B 149 7.30 -34.82 -12.56
C GLY B 149 6.99 -35.73 -11.38
N TYR B 150 6.87 -35.15 -10.19
CA TYR B 150 6.50 -35.94 -9.02
C TYR B 150 5.24 -35.39 -8.35
N PHE B 151 4.64 -36.19 -7.48
CA PHE B 151 3.43 -35.81 -6.77
C PHE B 151 3.09 -36.89 -5.74
N PRO B 152 2.66 -36.48 -4.54
CA PRO B 152 2.56 -35.08 -4.12
C PRO B 152 3.87 -34.59 -3.51
N GLU B 153 3.80 -33.46 -2.82
CA GLU B 153 4.92 -32.97 -2.04
C GLU B 153 4.98 -33.74 -0.72
N PRO B 154 6.15 -33.79 -0.08
CA PRO B 154 7.38 -33.14 -0.54
C PRO B 154 8.43 -34.12 -1.03
N VAL B 155 9.54 -33.58 -1.51
CA VAL B 155 10.76 -34.36 -1.70
C VAL B 155 11.84 -33.70 -0.87
N THR B 156 12.87 -34.46 -0.53
CA THR B 156 14.04 -33.90 0.13
C THR B 156 15.22 -34.02 -0.80
N LEU B 157 15.89 -32.91 -1.05
CA LEU B 157 17.07 -32.91 -1.88
C LEU B 157 18.28 -32.53 -1.04
N THR B 158 19.34 -33.32 -1.15
CA THR B 158 20.55 -33.01 -0.43
C THR B 158 21.77 -33.25 -1.32
N TRP B 159 22.88 -32.59 -1.01
CA TRP B 159 24.11 -32.77 -1.78
C TRP B 159 25.16 -33.49 -0.96
N ASN B 160 25.70 -34.57 -1.51
CA ASN B 160 26.63 -35.42 -0.77
C ASN B 160 26.12 -35.71 0.64
N SER B 161 24.83 -36.04 0.72
CA SER B 161 24.19 -36.44 1.97
C SER B 161 24.14 -35.30 2.99
N GLY B 162 24.13 -34.07 2.50
CA GLY B 162 24.11 -32.92 3.37
C GLY B 162 25.50 -32.43 3.75
N SER B 163 26.53 -33.17 3.36
CA SER B 163 27.91 -32.75 3.58
C SER B 163 28.14 -31.39 2.95
N LEU B 164 27.55 -31.21 1.78
CA LEU B 164 27.73 -30.00 1.00
C LEU B 164 26.53 -29.07 1.16
N SER B 165 26.66 -28.06 2.00
CA SER B 165 25.56 -27.14 2.27
C SER B 165 25.92 -25.73 1.82
N SER B 166 27.18 -25.36 1.98
CA SER B 166 27.65 -24.04 1.57
C SER B 166 27.64 -23.93 0.05
N GLY B 167 27.03 -22.86 -0.46
CA GLY B 167 26.95 -22.65 -1.90
C GLY B 167 25.83 -23.42 -2.56
N VAL B 168 24.87 -23.88 -1.76
CA VAL B 168 23.71 -24.61 -2.30
C VAL B 168 22.48 -23.73 -2.35
N HIS B 169 21.73 -23.86 -3.45
CA HIS B 169 20.47 -23.14 -3.61
C HIS B 169 19.38 -24.10 -4.06
N THR B 170 18.47 -24.43 -3.14
CA THR B 170 17.39 -25.35 -3.44
C THR B 170 16.08 -24.59 -3.64
N PHE B 171 15.52 -24.70 -4.83
CA PHE B 171 14.35 -23.91 -5.20
C PHE B 171 13.05 -24.64 -4.92
N PRO B 172 12.08 -23.92 -4.35
CA PRO B 172 10.79 -24.50 -3.93
C PRO B 172 10.07 -25.16 -5.09
N ALA B 173 9.52 -26.35 -4.86
CA ALA B 173 8.78 -27.06 -5.89
C ALA B 173 7.72 -26.15 -6.49
N VAL B 174 7.57 -26.20 -7.81
CA VAL B 174 6.49 -25.50 -8.48
C VAL B 174 5.56 -26.51 -9.15
N LEU B 175 4.26 -26.31 -9.01
CA LEU B 175 3.29 -27.26 -9.53
C LEU B 175 2.77 -26.83 -10.89
N GLN B 176 2.82 -27.75 -11.85
CA GLN B 176 2.17 -27.53 -13.14
C GLN B 176 1.51 -28.80 -13.65
N SER B 177 0.22 -28.70 -13.95
CA SER B 177 -0.55 -29.81 -14.48
C SER B 177 -0.43 -31.06 -13.61
N ASP B 178 -0.69 -30.89 -12.31
CA ASP B 178 -0.72 -32.02 -11.36
C ASP B 178 0.66 -32.59 -11.05
N LEU B 179 1.71 -31.93 -11.53
CA LEU B 179 3.05 -32.49 -11.43
C LEU B 179 4.04 -31.42 -10.97
N TYR B 180 4.85 -31.77 -9.96
CA TYR B 180 5.85 -30.85 -9.43
C TYR B 180 7.19 -31.03 -10.11
N THR B 181 7.92 -29.93 -10.25
CA THR B 181 9.33 -30.02 -10.58
C THR B 181 10.09 -29.20 -9.56
N LEU B 182 11.27 -29.69 -9.20
CA LEU B 182 12.10 -29.11 -8.16
C LEU B 182 13.51 -29.09 -8.72
N SER B 183 14.28 -28.05 -8.39
CA SER B 183 15.66 -28.00 -8.83
C SER B 183 16.57 -27.47 -7.73
N SER B 184 17.86 -27.74 -7.87
CA SER B 184 18.86 -27.26 -6.92
C SER B 184 20.21 -27.09 -7.59
N SER B 185 20.93 -26.06 -7.19
CA SER B 185 22.27 -25.84 -7.72
C SER B 185 23.28 -25.79 -6.59
N VAL B 186 24.50 -26.21 -6.90
CA VAL B 186 25.60 -26.10 -5.95
C VAL B 186 26.82 -25.52 -6.65
N THR B 187 27.42 -24.50 -6.06
CA THR B 187 28.58 -23.83 -6.64
C THR B 187 29.85 -24.13 -5.84
N VAL B 188 30.85 -24.68 -6.51
CA VAL B 188 32.12 -25.01 -5.88
C VAL B 188 33.29 -24.37 -6.64
N THR B 189 34.50 -24.63 -6.18
CA THR B 189 35.69 -24.14 -6.88
C THR B 189 36.18 -25.19 -7.88
N SER B 190 36.81 -24.72 -8.95
CA SER B 190 37.26 -25.59 -10.03
C SER B 190 38.14 -26.73 -9.54
N SER B 191 38.85 -26.49 -8.46
CA SER B 191 39.77 -27.48 -7.91
C SER B 191 39.03 -28.53 -7.08
N THR B 192 37.74 -28.30 -6.85
CA THR B 192 36.92 -29.22 -6.07
C THR B 192 36.34 -30.31 -6.96
N TRP B 193 35.74 -29.88 -8.06
CA TRP B 193 35.07 -30.80 -8.98
C TRP B 193 35.66 -30.59 -10.38
N PRO B 194 35.79 -31.68 -11.16
CA PRO B 194 35.32 -33.03 -10.89
C PRO B 194 36.24 -33.89 -10.04
N SER B 195 37.34 -33.34 -9.53
CA SER B 195 38.28 -34.14 -8.75
C SER B 195 37.55 -34.84 -7.60
N GLN B 196 36.91 -34.05 -6.75
CA GLN B 196 36.05 -34.59 -5.71
C GLN B 196 34.66 -34.85 -6.27
N SER B 197 34.12 -36.03 -5.98
CA SER B 197 32.79 -36.38 -6.48
C SER B 197 31.72 -35.52 -5.83
N ILE B 198 30.71 -35.15 -6.62
CA ILE B 198 29.56 -34.43 -6.11
C ILE B 198 28.31 -35.14 -6.59
N THR B 199 27.43 -35.50 -5.66
CA THR B 199 26.23 -36.23 -6.03
C THR B 199 24.96 -35.65 -5.40
N CYS B 200 23.87 -35.74 -6.14
CA CYS B 200 22.57 -35.25 -5.70
C CYS B 200 21.78 -36.40 -5.09
N ASN B 201 21.30 -36.21 -3.86
CA ASN B 201 20.47 -37.21 -3.22
C ASN B 201 19.03 -36.74 -3.16
N VAL B 202 18.11 -37.53 -3.71
CA VAL B 202 16.70 -37.16 -3.71
C VAL B 202 15.82 -38.24 -3.10
N ALA B 203 14.95 -37.82 -2.19
CA ALA B 203 14.00 -38.74 -1.58
C ALA B 203 12.58 -38.26 -1.81
N HIS B 204 11.72 -39.17 -2.23
CA HIS B 204 10.30 -38.89 -2.38
C HIS B 204 9.50 -39.98 -1.69
N PRO B 205 9.26 -39.81 -0.38
CA PRO B 205 8.58 -40.79 0.47
C PRO B 205 7.29 -41.33 -0.16
N ALA B 206 6.45 -40.42 -0.67
CA ALA B 206 5.15 -40.80 -1.22
C ALA B 206 5.24 -41.98 -2.21
N SER B 207 6.29 -42.01 -3.02
CA SER B 207 6.45 -43.07 -3.99
C SER B 207 7.58 -44.01 -3.60
N SER B 208 8.13 -43.77 -2.41
CA SER B 208 9.19 -44.61 -1.87
C SER B 208 10.41 -44.67 -2.77
N THR B 209 10.82 -43.52 -3.31
CA THR B 209 12.03 -43.51 -4.12
C THR B 209 13.19 -42.82 -3.42
N LYS B 210 14.34 -43.48 -3.45
CA LYS B 210 15.59 -42.91 -3.00
C LYS B 210 16.59 -43.06 -4.12
N VAL B 211 17.05 -41.94 -4.67
CA VAL B 211 18.01 -41.98 -5.77
C VAL B 211 19.19 -41.03 -5.56
N ASP B 212 20.36 -41.50 -5.98
CA ASP B 212 21.58 -40.70 -5.97
C ASP B 212 22.06 -40.52 -7.40
N LYS B 213 22.18 -39.28 -7.84
CA LYS B 213 22.72 -38.99 -9.16
C LYS B 213 24.07 -38.29 -9.04
N LYS B 214 25.12 -38.96 -9.46
CA LYS B 214 26.45 -38.35 -9.47
C LYS B 214 26.59 -37.46 -10.69
N ILE B 215 27.09 -36.25 -10.48
CA ILE B 215 27.31 -35.32 -11.57
C ILE B 215 28.63 -35.64 -12.27
N GLU B 216 28.54 -36.18 -13.48
CA GLU B 216 29.73 -36.52 -14.27
C GLU B 216 29.98 -35.42 -15.30
N PRO B 217 31.24 -34.96 -15.39
CA PRO B 217 31.62 -33.89 -16.32
C PRO B 217 30.92 -34.06 -17.66
N ILE C 1 14.59 19.52 -16.15
CA ILE C 1 13.89 20.36 -17.12
C ILE C 1 12.67 21.07 -16.53
N GLN C 2 12.61 22.38 -16.72
CA GLN C 2 11.47 23.16 -16.26
C GLN C 2 10.43 23.28 -17.35
N LEU C 3 9.15 23.20 -16.97
CA LEU C 3 8.09 23.53 -17.90
C LEU C 3 7.35 24.78 -17.44
N THR C 4 7.23 25.74 -18.34
CA THR C 4 6.65 27.03 -18.02
C THR C 4 5.26 27.14 -18.62
N GLN C 5 4.29 27.55 -17.81
CA GLN C 5 2.92 27.70 -18.30
C GLN C 5 2.48 29.16 -18.37
N SER C 6 1.76 29.48 -19.44
CA SER C 6 1.19 30.81 -19.63
C SER C 6 -0.16 30.65 -20.33
N PRO C 7 -1.13 31.48 -19.94
CA PRO C 7 -1.01 32.49 -18.88
C PRO C 7 -1.23 31.87 -17.51
N LEU C 8 -0.98 32.64 -16.46
CA LEU C 8 -1.26 32.18 -15.11
C LEU C 8 -2.76 31.99 -14.92
N SER C 9 -3.53 32.92 -15.46
CA SER C 9 -4.98 32.83 -15.42
C SER C 9 -5.56 33.09 -16.80
N LEU C 10 -6.75 32.57 -17.04
CA LEU C 10 -7.38 32.69 -18.35
C LEU C 10 -8.90 32.81 -18.23
N PRO C 11 -9.42 34.02 -18.48
CA PRO C 11 -10.86 34.28 -18.49
C PRO C 11 -11.44 33.96 -19.86
N VAL C 12 -12.60 33.31 -19.89
CA VAL C 12 -13.22 32.94 -21.16
C VAL C 12 -14.74 32.85 -21.01
N SER C 13 -15.45 33.20 -22.07
CA SER C 13 -16.90 33.08 -22.08
C SER C 13 -17.30 31.69 -22.57
N LEU C 14 -18.43 31.19 -22.07
CA LEU C 14 -18.93 29.89 -22.49
C LEU C 14 -19.11 29.85 -24.01
N GLY C 15 -18.82 28.70 -24.60
CA GLY C 15 -18.95 28.54 -26.03
C GLY C 15 -17.72 29.01 -26.79
N ASP C 16 -16.92 29.86 -26.15
CA ASP C 16 -15.71 30.39 -26.77
C ASP C 16 -14.55 29.40 -26.67
N GLN C 17 -13.50 29.67 -27.42
CA GLN C 17 -12.30 28.83 -27.39
C GLN C 17 -11.25 29.42 -26.46
N ALA C 18 -10.49 28.55 -25.81
CA ALA C 18 -9.41 28.96 -24.94
C ALA C 18 -8.12 28.27 -25.36
N SER C 19 -6.98 28.90 -25.09
CA SER C 19 -5.71 28.34 -25.52
C SER C 19 -4.64 28.50 -24.44
N ILE C 20 -4.02 27.39 -24.06
CA ILE C 20 -2.97 27.40 -23.05
C ILE C 20 -1.66 26.96 -23.68
N SER C 21 -0.55 27.48 -23.16
CA SER C 21 0.75 27.07 -23.67
C SER C 21 1.66 26.64 -22.54
N CYS C 22 2.44 25.60 -22.76
CA CYS C 22 3.45 25.20 -21.79
C CYS C 22 4.78 24.90 -22.49
N ARG C 23 5.85 25.47 -21.96
CA ARG C 23 7.14 25.49 -22.63
C ARG C 23 8.15 24.71 -21.82
N SER C 24 8.92 23.85 -22.49
CA SER C 24 9.98 23.12 -21.81
C SER C 24 11.33 23.78 -22.05
N SER C 25 12.24 23.63 -21.08
CA SER C 25 13.57 24.21 -21.19
C SER C 25 14.47 23.37 -22.09
N GLN C 26 14.08 22.13 -22.31
CA GLN C 26 14.78 21.25 -23.25
C GLN C 26 13.76 20.61 -24.15
N SER C 27 14.21 20.00 -25.24
CA SER C 27 13.32 19.28 -26.13
C SER C 27 12.78 18.05 -25.41
N LEU C 28 11.52 17.72 -25.67
CA LEU C 28 10.88 16.57 -25.05
C LEU C 28 10.98 15.33 -25.94
N VAL C 29 11.50 15.50 -27.14
CA VAL C 29 11.67 14.39 -28.06
C VAL C 29 12.66 13.39 -27.48
N HIS C 30 12.16 12.21 -27.13
CA HIS C 30 12.99 11.15 -26.60
C HIS C 30 13.82 10.55 -27.73
N SER C 31 14.88 9.83 -27.37
CA SER C 31 15.75 9.22 -28.37
C SER C 31 15.02 8.15 -29.17
N ASN C 32 13.88 7.70 -28.66
CA ASN C 32 13.06 6.69 -29.35
C ASN C 32 12.05 7.32 -30.30
N GLY C 33 12.09 8.65 -30.43
CA GLY C 33 11.25 9.35 -31.38
C GLY C 33 9.98 9.96 -30.79
N ASN C 34 9.54 9.44 -29.65
CA ASN C 34 8.31 9.89 -29.03
C ASN C 34 8.48 11.10 -28.10
N THR C 35 7.41 11.89 -27.96
CA THR C 35 7.42 13.05 -27.08
C THR C 35 6.40 12.85 -25.95
N TYR C 36 6.90 12.68 -24.73
CA TYR C 36 6.04 12.36 -23.60
C TYR C 36 5.56 13.60 -22.86
N LEU C 37 4.51 14.22 -23.40
CA LEU C 37 3.95 15.45 -22.84
C LEU C 37 2.50 15.22 -22.47
N HIS C 38 2.13 15.60 -21.24
CA HIS C 38 0.80 15.36 -20.73
C HIS C 38 0.08 16.65 -20.37
N TRP C 39 -1.23 16.66 -20.55
CA TRP C 39 -2.08 17.73 -20.05
C TRP C 39 -3.06 17.16 -19.02
N TYR C 40 -3.26 17.88 -17.93
CA TYR C 40 -4.20 17.49 -16.89
C TYR C 40 -5.19 18.61 -16.60
N LEU C 41 -6.32 18.25 -15.99
CA LEU C 41 -7.21 19.24 -15.40
C LEU C 41 -7.47 18.88 -13.95
N GLN C 42 -7.26 19.85 -13.07
CA GLN C 42 -7.62 19.69 -11.67
C GLN C 42 -8.82 20.57 -11.33
N LYS C 43 -10.00 19.98 -11.29
CA LYS C 43 -11.19 20.68 -10.85
C LYS C 43 -11.09 20.93 -9.35
N PRO C 44 -11.78 21.96 -8.86
CA PRO C 44 -11.73 22.32 -7.44
C PRO C 44 -12.16 21.16 -6.55
N GLY C 45 -11.36 20.85 -5.53
CA GLY C 45 -11.67 19.80 -4.58
C GLY C 45 -11.40 18.40 -5.11
N GLN C 46 -10.70 18.30 -6.24
CA GLN C 46 -10.39 17.00 -6.83
C GLN C 46 -8.92 16.87 -7.21
N SER C 47 -8.49 15.65 -7.47
CA SER C 47 -7.12 15.41 -7.89
C SER C 47 -7.01 15.69 -9.38
N PRO C 48 -5.78 15.83 -9.88
CA PRO C 48 -5.59 16.01 -11.32
C PRO C 48 -6.20 14.84 -12.09
N LYS C 49 -6.55 15.09 -13.35
CA LYS C 49 -7.15 14.08 -14.21
C LYS C 49 -6.53 14.16 -15.60
N LEU C 50 -5.98 13.06 -16.07
CA LEU C 50 -5.29 13.03 -17.36
C LEU C 50 -6.22 13.41 -18.50
N LEU C 51 -5.81 14.40 -19.29
CA LEU C 51 -6.57 14.81 -20.46
C LEU C 51 -5.88 14.28 -21.72
N ILE C 52 -4.59 14.56 -21.83
CA ILE C 52 -3.85 14.28 -23.04
C ILE C 52 -2.46 13.75 -22.69
N TYR C 53 -2.05 12.68 -23.38
CA TYR C 53 -0.70 12.18 -23.25
C TYR C 53 -0.02 12.12 -24.62
N LYS C 54 1.31 12.02 -24.62
CA LYS C 54 2.07 12.04 -25.87
C LYS C 54 1.63 13.20 -26.76
N VAL C 55 1.55 14.39 -26.17
CA VAL C 55 1.29 15.63 -26.90
C VAL C 55 -0.15 15.83 -27.35
N SER C 56 -0.69 14.87 -28.10
CA SER C 56 -1.99 15.05 -28.73
C SER C 56 -2.92 13.84 -28.60
N ASN C 57 -2.52 12.84 -27.84
CA ASN C 57 -3.36 11.68 -27.63
C ASN C 57 -4.38 11.90 -26.52
N ARG C 58 -5.65 11.92 -26.92
CA ARG C 58 -6.72 12.17 -25.98
C ARG C 58 -7.01 10.91 -25.18
N PHE C 59 -6.88 10.98 -23.87
CA PHE C 59 -7.09 9.82 -23.02
C PHE C 59 -8.56 9.41 -23.04
N SER C 60 -8.81 8.15 -22.69
CA SER C 60 -10.16 7.60 -22.70
C SER C 60 -11.09 8.43 -21.81
N GLY C 61 -12.18 8.90 -22.40
CA GLY C 61 -13.16 9.66 -21.64
C GLY C 61 -13.13 11.15 -21.89
N VAL C 62 -12.01 11.64 -22.40
CA VAL C 62 -11.83 13.07 -22.62
C VAL C 62 -12.51 13.52 -23.91
N PRO C 63 -13.38 14.55 -23.80
CA PRO C 63 -14.12 15.08 -24.95
C PRO C 63 -13.18 15.55 -26.04
N ASP C 64 -13.61 15.46 -27.29
CA ASP C 64 -12.77 15.91 -28.42
C ASP C 64 -12.62 17.41 -28.47
N ARG C 65 -13.27 18.11 -27.54
CA ARG C 65 -13.13 19.56 -27.42
C ARG C 65 -11.71 19.90 -26.99
N PHE C 66 -11.10 19.00 -26.22
CA PHE C 66 -9.73 19.18 -25.78
C PHE C 66 -8.79 18.59 -26.81
N SER C 67 -7.81 19.36 -27.25
CA SER C 67 -6.83 18.86 -28.21
C SER C 67 -5.45 19.41 -27.92
N GLY C 68 -4.45 18.56 -28.09
CA GLY C 68 -3.07 18.95 -27.86
C GLY C 68 -2.31 19.07 -29.16
N SER C 69 -1.26 19.89 -29.16
CA SER C 69 -0.45 20.08 -30.35
C SER C 69 0.91 20.65 -29.96
N GLY C 70 1.84 20.67 -30.91
CA GLY C 70 3.16 21.23 -30.66
C GLY C 70 4.27 20.23 -30.85
N SER C 71 5.50 20.68 -30.62
CA SER C 71 6.68 19.83 -30.77
C SER C 71 7.90 20.46 -30.12
N GLY C 72 8.93 19.65 -29.90
CA GLY C 72 10.20 20.15 -29.39
C GLY C 72 10.12 20.69 -27.97
N THR C 73 9.87 21.99 -27.84
CA THR C 73 9.79 22.62 -26.53
C THR C 73 8.56 23.51 -26.44
N ASP C 74 7.72 23.47 -27.46
CA ASP C 74 6.57 24.35 -27.53
C ASP C 74 5.29 23.55 -27.74
N PHE C 75 4.36 23.67 -26.79
CA PHE C 75 3.12 22.91 -26.83
C PHE C 75 1.92 23.77 -26.45
N THR C 76 0.75 23.36 -26.93
CA THR C 76 -0.47 24.15 -26.73
C THR C 76 -1.69 23.27 -26.52
N LEU C 77 -2.50 23.62 -25.52
CA LEU C 77 -3.78 22.94 -25.29
C LEU C 77 -4.92 23.85 -25.70
N LYS C 78 -5.78 23.34 -26.59
CA LYS C 78 -6.92 24.12 -27.05
C LYS C 78 -8.23 23.53 -26.55
N ILE C 79 -9.08 24.40 -26.03
CA ILE C 79 -10.41 24.03 -25.59
C ILE C 79 -11.41 24.85 -26.38
N SER C 80 -12.19 24.19 -27.23
CA SER C 80 -13.26 24.87 -27.94
C SER C 80 -14.58 24.67 -27.21
N SER C 81 -15.53 25.56 -27.45
CA SER C 81 -16.83 25.51 -26.78
C SER C 81 -16.65 25.17 -25.30
N VAL C 82 -16.16 26.14 -24.53
CA VAL C 82 -15.94 25.94 -23.11
C VAL C 82 -17.25 25.76 -22.35
N GLU C 83 -17.36 24.65 -21.63
CA GLU C 83 -18.48 24.45 -20.72
C GLU C 83 -18.03 24.90 -19.33
N ALA C 84 -18.98 25.18 -18.45
CA ALA C 84 -18.65 25.69 -17.12
C ALA C 84 -17.83 24.69 -16.32
N GLU C 85 -18.06 23.40 -16.58
CA GLU C 85 -17.37 22.34 -15.86
C GLU C 85 -15.89 22.26 -16.22
N ASP C 86 -15.49 23.03 -17.23
CA ASP C 86 -14.10 23.05 -17.67
C ASP C 86 -13.18 23.79 -16.70
N LEU C 87 -13.76 24.57 -15.81
CA LEU C 87 -12.98 25.42 -14.92
C LEU C 87 -12.09 24.62 -13.97
N GLY C 88 -10.98 25.22 -13.57
CA GLY C 88 -10.02 24.56 -12.70
C GLY C 88 -8.61 24.96 -13.08
N VAL C 89 -7.62 24.21 -12.59
CA VAL C 89 -6.24 24.46 -12.95
C VAL C 89 -5.75 23.43 -13.95
N TYR C 90 -5.25 23.90 -15.09
CA TYR C 90 -4.71 23.00 -16.12
C TYR C 90 -3.21 22.86 -16.00
N PHE C 91 -2.73 21.63 -16.03
CA PHE C 91 -1.30 21.37 -15.90
C PHE C 91 -0.77 20.65 -17.12
N CYS C 92 0.47 20.97 -17.49
CA CYS C 92 1.20 20.15 -18.44
C CYS C 92 2.30 19.43 -17.68
N SER C 93 2.76 18.31 -18.20
CA SER C 93 3.87 17.60 -17.57
C SER C 93 4.68 16.83 -18.59
N GLN C 94 5.97 16.70 -18.34
CA GLN C 94 6.83 15.92 -19.22
C GLN C 94 7.42 14.75 -18.46
N SER C 95 7.41 13.58 -19.09
CA SER C 95 8.03 12.39 -18.51
C SER C 95 9.01 11.79 -19.50
N THR C 96 9.55 12.64 -20.37
CA THR C 96 10.61 12.24 -21.28
C THR C 96 11.87 12.02 -20.46
N HIS C 97 12.12 12.95 -19.53
CA HIS C 97 13.17 12.80 -18.54
C HIS C 97 12.55 12.55 -17.18
N VAL C 98 13.30 12.86 -16.12
CA VAL C 98 12.74 12.81 -14.77
C VAL C 98 11.51 13.72 -14.71
N PRO C 99 10.36 13.16 -14.28
CA PRO C 99 9.06 13.83 -14.38
C PRO C 99 8.98 15.19 -13.71
N THR C 100 8.44 16.18 -14.43
CA THR C 100 8.25 17.52 -13.92
C THR C 100 6.95 18.12 -14.43
N PHE C 101 6.36 19.03 -13.65
CA PHE C 101 5.07 19.62 -14.00
C PHE C 101 5.19 21.12 -14.21
N GLY C 102 4.23 21.68 -14.93
CA GLY C 102 4.11 23.12 -15.05
C GLY C 102 3.40 23.69 -13.83
N GLY C 103 3.43 25.02 -13.70
CA GLY C 103 2.83 25.68 -12.56
C GLY C 103 1.32 25.80 -12.66
N GLY C 104 0.76 25.35 -13.78
CA GLY C 104 -0.68 25.35 -13.96
C GLY C 104 -1.25 26.64 -14.52
N THR C 105 -2.42 26.53 -15.14
CA THR C 105 -3.15 27.68 -15.65
C THR C 105 -4.60 27.60 -15.18
N LYS C 106 -5.03 28.60 -14.42
CA LYS C 106 -6.39 28.61 -13.91
C LYS C 106 -7.36 29.16 -14.95
N LEU C 107 -8.31 28.34 -15.36
CA LEU C 107 -9.33 28.78 -16.29
C LEU C 107 -10.50 29.33 -15.50
N GLU C 108 -10.87 30.58 -15.77
CA GLU C 108 -12.02 31.20 -15.14
C GLU C 108 -13.14 31.40 -16.16
N ILE C 109 -14.37 31.19 -15.72
CA ILE C 109 -15.53 31.37 -16.59
C ILE C 109 -16.11 32.77 -16.45
N LYS C 110 -16.31 33.46 -17.57
CA LYS C 110 -16.89 34.79 -17.57
C LYS C 110 -18.39 34.71 -17.29
N ARG C 111 -18.90 35.72 -16.59
CA ARG C 111 -20.34 35.81 -16.35
C ARG C 111 -20.77 37.26 -16.04
N ALA C 112 -22.06 37.44 -15.81
CA ALA C 112 -22.70 38.76 -15.95
C ALA C 112 -22.45 39.84 -14.87
N ASP C 113 -21.67 39.53 -13.83
CA ASP C 113 -21.56 40.39 -12.65
C ASP C 113 -22.66 40.10 -11.63
N ALA C 114 -22.27 39.84 -10.39
CA ALA C 114 -23.23 39.55 -9.33
C ALA C 114 -22.79 40.15 -8.00
N ALA C 115 -23.71 40.84 -7.34
CA ALA C 115 -23.45 41.43 -6.04
C ALA C 115 -23.42 40.36 -4.97
N PRO C 116 -22.48 40.49 -4.02
CA PRO C 116 -22.36 39.53 -2.92
C PRO C 116 -23.50 39.69 -1.92
N THR C 117 -24.05 38.58 -1.44
CA THR C 117 -24.94 38.61 -0.29
C THR C 117 -24.08 38.58 0.97
N VAL C 118 -24.14 39.63 1.76
CA VAL C 118 -23.29 39.74 2.93
C VAL C 118 -24.06 39.48 4.22
N SER C 119 -23.44 38.72 5.13
CA SER C 119 -24.05 38.39 6.41
C SER C 119 -22.99 38.48 7.50
N ILE C 120 -23.36 39.09 8.63
CA ILE C 120 -22.43 39.24 9.73
C ILE C 120 -22.92 38.52 10.98
N PHE C 121 -21.98 37.98 11.75
CA PHE C 121 -22.31 37.25 12.96
C PHE C 121 -21.39 37.68 14.11
N PRO C 122 -21.99 38.07 15.24
CA PRO C 122 -21.22 38.34 16.45
C PRO C 122 -20.71 37.03 17.03
N PRO C 123 -19.73 37.08 17.95
CA PRO C 123 -19.28 35.84 18.58
C PRO C 123 -20.45 35.09 19.21
N SER C 124 -20.43 33.77 19.13
CA SER C 124 -21.44 32.95 19.79
C SER C 124 -21.26 33.01 21.31
N SER C 125 -22.34 32.77 22.04
CA SER C 125 -22.28 32.69 23.50
C SER C 125 -21.26 31.65 23.90
N GLU C 126 -21.25 30.54 23.18
CA GLU C 126 -20.33 29.46 23.46
C GLU C 126 -18.87 29.93 23.43
N GLN C 127 -18.50 30.65 22.37
CA GLN C 127 -17.14 31.14 22.26
C GLN C 127 -16.82 32.15 23.36
N LEU C 128 -17.75 33.07 23.60
CA LEU C 128 -17.58 34.08 24.64
C LEU C 128 -17.38 33.42 26.01
N THR C 129 -18.15 32.37 26.29
CA THR C 129 -17.95 31.60 27.52
C THR C 129 -16.73 30.72 27.40
N SER C 130 -15.65 31.28 26.89
CA SER C 130 -14.37 30.59 26.79
C SER C 130 -13.25 31.61 26.61
N GLY C 131 -13.58 32.87 26.83
CA GLY C 131 -12.60 33.94 26.83
C GLY C 131 -12.09 34.33 25.45
N GLY C 132 -12.81 33.93 24.41
CA GLY C 132 -12.44 34.28 23.05
C GLY C 132 -13.56 35.03 22.34
N ALA C 133 -13.20 35.72 21.27
CA ALA C 133 -14.21 36.46 20.50
C ALA C 133 -13.88 36.46 19.02
N SER C 134 -14.79 35.93 18.22
CA SER C 134 -14.64 35.95 16.77
C SER C 134 -15.89 36.55 16.14
N VAL C 135 -15.68 37.55 15.29
CA VAL C 135 -16.76 38.10 14.50
C VAL C 135 -16.61 37.53 13.11
N VAL C 136 -17.71 37.11 12.50
CA VAL C 136 -17.62 36.43 11.22
C VAL C 136 -18.49 37.08 10.16
N CYS C 137 -17.97 37.11 8.93
CA CYS C 137 -18.69 37.73 7.82
C CYS C 137 -18.60 36.87 6.56
N PHE C 138 -19.75 36.47 6.05
CA PHE C 138 -19.81 35.74 4.78
C PHE C 138 -20.17 36.69 3.66
N LEU C 139 -19.46 36.58 2.54
CA LEU C 139 -19.76 37.35 1.35
C LEU C 139 -19.94 36.37 0.19
N ASN C 140 -21.20 36.05 -0.10
CA ASN C 140 -21.52 34.89 -0.94
C ASN C 140 -21.98 35.18 -2.37
N ASN C 141 -21.66 34.26 -3.28
CA ASN C 141 -22.17 34.26 -4.65
C ASN C 141 -21.92 35.54 -5.43
N PHE C 142 -20.67 35.97 -5.53
CA PHE C 142 -20.38 37.22 -6.20
C PHE C 142 -19.47 37.06 -7.41
N TYR C 143 -19.49 38.07 -8.28
CA TYR C 143 -18.63 38.10 -9.46
C TYR C 143 -18.49 39.55 -9.91
N PRO C 144 -17.28 39.95 -10.33
CA PRO C 144 -16.05 39.15 -10.44
C PRO C 144 -15.42 38.83 -9.08
N LYS C 145 -14.33 38.08 -9.11
CA LYS C 145 -13.71 37.59 -7.88
C LYS C 145 -12.95 38.66 -7.09
N ASP C 146 -12.65 39.79 -7.74
CA ASP C 146 -12.02 40.90 -7.02
C ASP C 146 -12.98 41.53 -6.02
N ILE C 147 -12.60 41.49 -4.75
CA ILE C 147 -13.40 42.08 -3.68
C ILE C 147 -12.49 42.59 -2.57
N ASN C 148 -12.87 43.69 -1.94
CA ASN C 148 -12.11 44.24 -0.81
C ASN C 148 -12.96 44.26 0.45
N VAL C 149 -12.50 43.57 1.49
CA VAL C 149 -13.25 43.51 2.74
C VAL C 149 -12.52 44.24 3.85
N LYS C 150 -13.25 45.13 4.53
CA LYS C 150 -12.72 45.84 5.68
C LYS C 150 -13.54 45.51 6.92
N TRP C 151 -12.85 45.35 8.05
CA TRP C 151 -13.51 45.26 9.34
C TRP C 151 -13.37 46.60 10.05
N LYS C 152 -14.49 47.13 10.52
CA LYS C 152 -14.48 48.40 11.23
C LYS C 152 -15.08 48.27 12.63
N ILE C 153 -14.28 48.60 13.63
CA ILE C 153 -14.72 48.55 15.00
C ILE C 153 -14.87 49.97 15.53
N ASP C 154 -16.11 50.36 15.83
CA ASP C 154 -16.39 51.73 16.24
C ASP C 154 -15.88 52.70 15.19
N GLY C 155 -16.10 52.34 13.92
CA GLY C 155 -15.76 53.20 12.81
C GLY C 155 -14.32 53.10 12.36
N SER C 156 -13.48 52.49 13.20
CA SER C 156 -12.05 52.44 12.91
C SER C 156 -11.61 51.08 12.36
N GLU C 157 -10.92 51.11 11.22
CA GLU C 157 -10.50 49.88 10.54
C GLU C 157 -9.54 49.00 11.35
N ARG C 158 -9.74 47.70 11.26
CA ARG C 158 -8.89 46.72 11.95
C ARG C 158 -8.36 45.71 10.95
N GLN C 159 -7.05 45.57 10.85
CA GLN C 159 -6.47 44.57 9.97
C GLN C 159 -5.77 43.41 10.69
N ASN C 160 -5.45 43.59 11.97
CA ASN C 160 -4.85 42.50 12.76
C ASN C 160 -5.88 41.48 13.24
N GLY C 161 -5.59 40.20 13.04
CA GLY C 161 -6.46 39.14 13.51
C GLY C 161 -7.58 38.78 12.54
N VAL C 162 -7.37 39.09 11.26
CA VAL C 162 -8.35 38.75 10.24
C VAL C 162 -7.97 37.51 9.44
N LEU C 163 -8.90 36.59 9.31
CA LEU C 163 -8.70 35.37 8.54
C LEU C 163 -9.66 35.34 7.35
N ASN C 164 -9.12 35.42 6.14
CA ASN C 164 -9.93 35.40 4.94
C ASN C 164 -9.83 34.06 4.22
N SER C 165 -10.95 33.61 3.65
CA SER C 165 -10.97 32.38 2.86
C SER C 165 -11.92 32.50 1.68
N TRP C 166 -11.45 32.09 0.51
CA TRP C 166 -12.25 32.15 -0.71
C TRP C 166 -12.57 30.74 -1.19
N THR C 167 -13.75 30.55 -1.78
CA THR C 167 -14.04 29.32 -2.49
C THR C 167 -13.49 29.47 -3.90
N ASP C 168 -13.12 28.35 -4.53
CA ASP C 168 -12.80 28.36 -5.94
C ASP C 168 -14.08 28.75 -6.67
N GLN C 169 -13.98 28.99 -7.98
CA GLN C 169 -15.18 29.30 -8.75
C GLN C 169 -16.13 28.11 -8.79
N ASP C 170 -17.37 28.33 -8.40
CA ASP C 170 -18.39 27.29 -8.46
C ASP C 170 -18.90 27.14 -9.89
N SER C 171 -18.69 25.98 -10.47
CA SER C 171 -19.14 25.72 -11.84
C SER C 171 -20.66 25.76 -11.98
N LYS C 172 -21.36 25.67 -10.86
CA LYS C 172 -22.82 25.72 -10.87
C LYS C 172 -23.34 27.06 -11.43
N ASP C 173 -22.90 28.16 -10.83
CA ASP C 173 -23.36 29.48 -11.25
C ASP C 173 -22.20 30.41 -11.63
N SER C 174 -20.98 29.89 -11.52
CA SER C 174 -19.77 30.61 -11.91
C SER C 174 -19.40 31.76 -10.97
N THR C 175 -19.97 31.76 -9.76
CA THR C 175 -19.69 32.82 -8.79
C THR C 175 -18.58 32.44 -7.82
N TYR C 176 -18.30 33.34 -6.88
CA TYR C 176 -17.32 33.12 -5.82
C TYR C 176 -17.97 33.41 -4.46
N SER C 177 -17.44 32.80 -3.41
CA SER C 177 -17.87 33.10 -2.06
C SER C 177 -16.64 33.40 -1.20
N MET C 178 -16.86 34.03 -0.06
CA MET C 178 -15.76 34.42 0.81
C MET C 178 -16.19 34.51 2.28
N SER C 179 -15.28 34.12 3.17
CA SER C 179 -15.51 34.20 4.60
C SER C 179 -14.40 34.99 5.27
N SER C 180 -14.78 35.94 6.11
CA SER C 180 -13.81 36.76 6.82
C SER C 180 -14.07 36.71 8.32
N THR C 181 -13.06 36.28 9.07
CA THR C 181 -13.20 36.15 10.51
C THR C 181 -12.27 37.11 11.25
N LEU C 182 -12.86 37.98 12.05
CA LEU C 182 -12.09 38.86 12.92
C LEU C 182 -12.01 38.23 14.30
N THR C 183 -10.80 37.93 14.74
CA THR C 183 -10.61 37.35 16.06
C THR C 183 -9.95 38.31 17.01
N LEU C 184 -10.59 38.53 18.16
CA LEU C 184 -10.08 39.42 19.18
C LEU C 184 -10.10 38.71 20.54
N THR C 185 -9.37 39.26 21.50
CA THR C 185 -9.52 38.81 22.87
C THR C 185 -10.91 39.19 23.34
N LYS C 186 -11.43 38.46 24.32
CA LYS C 186 -12.74 38.74 24.90
C LYS C 186 -12.82 40.17 25.44
N ASP C 187 -11.75 40.60 26.11
CA ASP C 187 -11.71 41.93 26.71
C ASP C 187 -11.72 43.05 25.66
N GLU C 188 -11.00 42.85 24.56
CA GLU C 188 -11.00 43.84 23.48
C GLU C 188 -12.37 43.93 22.83
N TYR C 189 -12.98 42.78 22.57
CA TYR C 189 -14.31 42.75 21.98
C TYR C 189 -15.33 43.50 22.82
N GLU C 190 -15.24 43.37 24.13
CA GLU C 190 -16.20 44.02 25.02
C GLU C 190 -15.85 45.49 25.26
N ARG C 191 -14.76 45.97 24.66
CA ARG C 191 -14.38 47.37 24.81
C ARG C 191 -15.02 48.25 23.74
N HIS C 192 -15.66 47.61 22.77
CA HIS C 192 -16.33 48.33 21.69
C HIS C 192 -17.71 47.74 21.49
N ASN C 193 -18.58 48.45 20.78
CA ASN C 193 -19.92 47.92 20.56
C ASN C 193 -20.45 48.05 19.13
N SER C 194 -19.72 48.76 18.28
CA SER C 194 -20.09 48.82 16.87
C SER C 194 -19.14 47.99 16.03
N TYR C 195 -19.68 46.99 15.34
CA TYR C 195 -18.86 46.10 14.52
C TYR C 195 -19.39 46.03 13.10
N THR C 196 -18.50 46.22 12.13
CA THR C 196 -18.89 46.38 10.74
C THR C 196 -18.06 45.55 9.78
N CYS C 197 -18.75 44.86 8.89
CA CYS C 197 -18.10 44.16 7.79
C CYS C 197 -18.40 44.93 6.51
N GLU C 198 -17.35 45.40 5.85
CA GLU C 198 -17.48 46.34 4.75
C GLU C 198 -16.86 45.79 3.47
N ALA C 199 -17.69 45.60 2.44
CA ALA C 199 -17.18 45.09 1.17
C ALA C 199 -17.24 46.14 0.08
N THR C 200 -16.12 46.31 -0.62
CA THR C 200 -16.07 47.15 -1.81
C THR C 200 -16.02 46.24 -3.03
N HIS C 201 -17.01 46.35 -3.89
CA HIS C 201 -17.13 45.45 -5.04
C HIS C 201 -17.64 46.21 -6.26
N LYS C 202 -17.27 45.73 -7.44
CA LYS C 202 -17.65 46.35 -8.70
C LYS C 202 -19.16 46.59 -8.80
N THR C 203 -19.94 45.73 -8.18
CA THR C 203 -21.40 45.76 -8.34
C THR C 203 -22.08 46.87 -7.53
N SER C 204 -21.33 47.55 -6.66
CA SER C 204 -21.90 48.63 -5.88
C SER C 204 -21.04 49.89 -5.95
N THR C 205 -21.69 51.05 -6.01
CA THR C 205 -20.98 52.32 -6.10
C THR C 205 -20.35 52.69 -4.76
N SER C 206 -21.03 52.33 -3.67
CA SER C 206 -20.53 52.58 -2.33
C SER C 206 -20.30 51.27 -1.59
N PRO C 207 -19.56 51.33 -0.47
CA PRO C 207 -19.31 50.12 0.31
C PRO C 207 -20.59 49.35 0.62
N ILE C 208 -20.52 48.03 0.52
CA ILE C 208 -21.61 47.19 0.98
C ILE C 208 -21.39 46.95 2.47
N VAL C 209 -22.27 47.53 3.28
CA VAL C 209 -22.07 47.58 4.73
C VAL C 209 -23.01 46.64 5.47
N LYS C 210 -22.46 45.91 6.44
CA LYS C 210 -23.26 45.06 7.30
C LYS C 210 -22.72 45.21 8.72
N SER C 211 -23.57 45.64 9.65
CA SER C 211 -23.12 46.02 10.98
C SER C 211 -24.02 45.51 12.10
N PHE C 212 -23.49 45.51 13.31
CA PHE C 212 -24.32 45.32 14.49
C PHE C 212 -23.79 46.14 15.66
N ASN C 213 -24.68 46.49 16.58
CA ASN C 213 -24.30 47.19 17.80
C ASN C 213 -24.51 46.32 19.03
N ARG C 214 -23.53 46.30 19.93
CA ARG C 214 -23.61 45.51 21.15
C ARG C 214 -24.55 46.15 22.16
N GLU C 215 -25.31 45.30 22.85
CA GLU C 215 -26.32 45.71 23.83
C GLU C 215 -27.61 46.18 23.15
N GLN D 1 -15.10 -0.11 -12.65
CA GLN D 1 -14.69 1.23 -12.28
C GLN D 1 -13.25 1.25 -11.76
N VAL D 2 -12.45 2.16 -12.29
CA VAL D 2 -11.09 2.34 -11.80
C VAL D 2 -11.10 3.14 -10.50
N GLN D 3 -10.46 2.60 -9.48
CA GLN D 3 -10.39 3.26 -8.18
C GLN D 3 -8.97 3.22 -7.62
N LEU D 4 -8.48 4.39 -7.21
CA LEU D 4 -7.24 4.49 -6.46
C LEU D 4 -7.52 5.16 -5.13
N GLN D 5 -7.52 4.39 -4.04
CA GLN D 5 -7.79 4.96 -2.73
C GLN D 5 -6.56 4.93 -1.83
N GLN D 6 -6.07 6.12 -1.47
CA GLN D 6 -4.94 6.25 -0.57
C GLN D 6 -5.37 6.06 0.88
N SER D 7 -4.41 5.76 1.74
CA SER D 7 -4.69 5.67 3.18
C SER D 7 -3.39 5.70 3.98
N GLY D 8 -3.50 5.99 5.27
CA GLY D 8 -2.36 5.91 6.18
C GLY D 8 -1.68 7.24 6.44
N GLY D 9 -2.20 8.32 5.86
CA GLY D 9 -1.62 9.62 6.06
C GLY D 9 -1.85 10.17 7.46
N GLY D 10 -1.37 11.38 7.71
CA GLY D 10 -1.59 12.02 8.99
C GLY D 10 -0.44 12.84 9.52
N LEU D 11 -0.43 13.04 10.83
CA LEU D 11 0.55 13.88 11.50
C LEU D 11 1.79 13.10 11.94
N VAL D 12 2.97 13.61 11.58
CA VAL D 12 4.24 13.06 12.05
C VAL D 12 5.21 14.15 12.49
N GLN D 13 6.00 13.85 13.51
CA GLN D 13 7.07 14.72 13.95
C GLN D 13 8.23 14.69 12.96
N PRO D 14 8.93 15.82 12.80
CA PRO D 14 10.12 15.86 11.96
C PRO D 14 11.10 14.77 12.40
N GLY D 15 11.80 14.17 11.44
CA GLY D 15 12.70 13.07 11.73
C GLY D 15 11.95 11.77 11.93
N GLY D 16 10.62 11.84 11.88
CA GLY D 16 9.79 10.68 12.08
C GLY D 16 9.61 9.85 10.82
N SER D 17 8.86 8.77 10.94
CA SER D 17 8.58 7.88 9.82
C SER D 17 7.07 7.72 9.61
N MET D 18 6.67 7.41 8.38
CA MET D 18 5.25 7.19 8.09
C MET D 18 5.09 6.33 6.84
N LYS D 19 4.04 5.52 6.81
CA LYS D 19 3.73 4.70 5.65
C LYS D 19 2.35 5.03 5.09
N ILE D 20 2.29 5.28 3.80
CA ILE D 20 0.99 5.48 3.14
C ILE D 20 0.81 4.41 2.07
N PHE D 21 -0.45 4.14 1.73
CA PHE D 21 -0.75 3.05 0.82
C PHE D 21 -1.76 3.45 -0.22
N CYS D 22 -1.81 2.67 -1.29
CA CYS D 22 -2.76 2.89 -2.36
C CYS D 22 -3.38 1.56 -2.77
N ALA D 23 -4.71 1.47 -2.69
CA ALA D 23 -5.43 0.27 -3.07
C ALA D 23 -6.03 0.47 -4.45
N ALA D 24 -5.70 -0.43 -5.37
CA ALA D 24 -6.15 -0.31 -6.75
C ALA D 24 -7.19 -1.37 -7.13
N SER D 25 -8.11 -0.99 -8.00
CA SER D 25 -9.13 -1.90 -8.49
C SER D 25 -9.70 -1.40 -9.81
N GLY D 26 -10.20 -2.31 -10.63
CA GLY D 26 -10.84 -1.95 -11.88
C GLY D 26 -9.92 -2.02 -13.08
N PHE D 27 -8.66 -2.38 -12.85
CA PHE D 27 -7.70 -2.56 -13.93
C PHE D 27 -6.65 -3.59 -13.56
N THR D 28 -5.95 -4.12 -14.57
CA THR D 28 -4.92 -5.12 -14.33
C THR D 28 -3.65 -4.48 -13.79
N PHE D 29 -3.53 -4.49 -12.46
CA PHE D 29 -2.47 -3.82 -11.74
C PHE D 29 -1.06 -4.13 -12.25
N SER D 30 -0.76 -5.41 -12.43
CA SER D 30 0.59 -5.84 -12.82
C SER D 30 1.05 -5.17 -14.10
N ASP D 31 0.11 -4.75 -14.94
CA ASP D 31 0.43 -4.10 -16.21
C ASP D 31 0.68 -2.61 -16.04
N ALA D 32 0.38 -2.07 -14.87
CA ALA D 32 0.32 -0.63 -14.67
C ALA D 32 1.59 0.02 -14.13
N TRP D 33 1.92 1.17 -14.69
CA TRP D 33 3.02 2.02 -14.25
C TRP D 33 2.48 2.92 -13.14
N MET D 34 3.09 2.84 -11.96
CA MET D 34 2.57 3.59 -10.80
C MET D 34 3.49 4.71 -10.32
N ASP D 35 2.89 5.76 -9.77
CA ASP D 35 3.64 6.92 -9.28
C ASP D 35 3.07 7.48 -7.98
N TRP D 36 3.93 8.11 -7.19
CA TRP D 36 3.46 8.96 -6.10
C TRP D 36 3.79 10.40 -6.49
N VAL D 37 2.78 11.26 -6.46
CA VAL D 37 2.96 12.68 -6.75
C VAL D 37 2.40 13.49 -5.59
N ARG D 38 3.19 14.46 -5.11
CA ARG D 38 2.76 15.28 -3.97
C ARG D 38 2.51 16.72 -4.37
N GLN D 39 1.62 17.38 -3.64
CA GLN D 39 1.20 18.74 -3.96
C GLN D 39 1.27 19.62 -2.73
N SER D 40 1.75 20.85 -2.91
CA SER D 40 1.84 21.80 -1.80
C SER D 40 1.77 23.24 -2.31
N PRO D 41 1.43 24.19 -1.43
CA PRO D 41 1.41 25.61 -1.79
C PRO D 41 2.71 25.99 -2.49
N GLU D 42 3.82 25.84 -1.78
CA GLU D 42 5.14 25.96 -2.39
C GLU D 42 5.31 24.73 -3.27
N LYS D 43 6.24 24.80 -4.23
CA LYS D 43 6.60 23.63 -5.01
C LYS D 43 5.51 23.12 -5.98
N GLY D 44 4.25 23.30 -5.63
CA GLY D 44 3.16 22.80 -6.44
C GLY D 44 3.21 21.29 -6.62
N LEU D 45 2.78 20.80 -7.79
CA LEU D 45 2.83 19.39 -8.10
C LEU D 45 4.26 18.92 -8.31
N GLU D 46 4.71 17.97 -7.50
CA GLU D 46 6.05 17.41 -7.69
C GLU D 46 6.08 15.88 -7.59
N TRP D 47 6.64 15.27 -8.61
CA TRP D 47 6.80 13.82 -8.69
C TRP D 47 7.70 13.34 -7.55
N VAL D 48 7.33 12.22 -6.93
CA VAL D 48 8.03 11.73 -5.75
C VAL D 48 8.80 10.44 -6.03
N ALA D 49 8.11 9.46 -6.58
CA ALA D 49 8.70 8.15 -6.85
C ALA D 49 7.86 7.37 -7.86
N GLU D 50 8.48 6.40 -8.51
CA GLU D 50 7.75 5.55 -9.44
C GLU D 50 8.11 4.09 -9.23
N ILE D 51 7.18 3.21 -9.58
CA ILE D 51 7.46 1.79 -9.62
C ILE D 51 6.83 1.22 -10.89
N ARG D 52 7.65 0.57 -11.71
CA ARG D 52 7.24 0.22 -13.06
C ARG D 52 6.58 -1.15 -13.21
N ASN D 53 6.12 -1.40 -14.43
CA ASN D 53 5.61 -2.70 -14.86
C ASN D 53 6.31 -3.88 -14.24
N LYS D 54 5.61 -5.00 -14.12
CA LYS D 54 6.26 -6.26 -13.82
C LYS D 54 7.14 -6.61 -15.01
N ALA D 55 6.63 -6.33 -16.21
CA ALA D 55 7.40 -6.53 -17.43
C ALA D 55 8.71 -5.76 -17.33
N ASN D 56 8.66 -4.62 -16.64
CA ASN D 56 9.82 -3.77 -16.47
C ASN D 56 10.48 -3.99 -15.10
N ASN D 57 10.28 -5.17 -14.53
CA ASN D 57 10.95 -5.56 -13.29
C ASN D 57 10.64 -4.69 -12.07
N HIS D 58 9.44 -4.11 -12.02
CA HIS D 58 9.05 -3.24 -10.91
C HIS D 58 10.13 -2.21 -10.56
N GLU D 59 10.82 -1.71 -11.58
CA GLU D 59 11.91 -0.77 -11.36
C GLU D 59 11.44 0.48 -10.64
N THR D 60 12.26 1.00 -9.74
CA THR D 60 11.92 2.16 -8.93
C THR D 60 12.87 3.33 -9.14
N TYR D 61 12.31 4.53 -9.12
CA TYR D 61 13.09 5.76 -9.24
C TYR D 61 12.51 6.81 -8.32
N TYR D 62 13.39 7.58 -7.67
CA TYR D 62 12.96 8.56 -6.70
C TYR D 62 13.43 9.96 -7.06
N ALA D 63 12.60 10.95 -6.75
CA ALA D 63 13.04 12.33 -6.84
C ALA D 63 14.27 12.46 -5.96
N GLU D 64 15.16 13.38 -6.32
CA GLU D 64 16.42 13.51 -5.60
C GLU D 64 16.20 14.01 -4.17
N SER D 65 15.11 14.72 -3.94
CA SER D 65 14.83 15.28 -2.63
C SER D 65 14.43 14.22 -1.59
N VAL D 66 14.01 13.04 -2.06
CA VAL D 66 13.56 11.99 -1.16
C VAL D 66 14.43 10.74 -1.26
N LYS D 67 15.36 10.74 -2.20
CA LYS D 67 16.24 9.61 -2.44
C LYS D 67 16.92 9.13 -1.16
N GLY D 68 16.75 7.85 -0.84
CA GLY D 68 17.37 7.28 0.34
C GLY D 68 16.48 7.34 1.58
N ARG D 69 15.44 8.17 1.53
CA ARG D 69 14.54 8.33 2.67
C ARG D 69 13.19 7.64 2.44
N PHE D 70 12.76 7.61 1.18
CA PHE D 70 11.47 7.05 0.83
C PHE D 70 11.66 5.70 0.13
N THR D 71 10.81 4.73 0.46
CA THR D 71 10.83 3.44 -0.22
C THR D 71 9.46 3.13 -0.84
N ILE D 72 9.44 2.94 -2.15
CA ILE D 72 8.20 2.62 -2.84
C ILE D 72 8.08 1.11 -2.96
N THR D 73 6.85 0.62 -2.87
CA THR D 73 6.59 -0.82 -2.81
C THR D 73 5.29 -1.14 -3.52
N ARG D 74 5.19 -2.35 -4.09
CA ARG D 74 3.95 -2.79 -4.73
C ARG D 74 3.76 -4.30 -4.64
N ASP D 75 2.50 -4.72 -4.54
CA ASP D 75 2.14 -6.12 -4.53
C ASP D 75 1.06 -6.31 -5.60
N ASP D 76 1.45 -6.84 -6.74
CA ASP D 76 0.55 -6.94 -7.87
C ASP D 76 -0.66 -7.82 -7.59
N SER D 77 -0.43 -8.94 -6.91
CA SER D 77 -1.52 -9.87 -6.62
C SER D 77 -2.53 -9.28 -5.64
N LYS D 78 -2.10 -8.26 -4.89
CA LYS D 78 -3.00 -7.56 -3.98
C LYS D 78 -3.45 -6.22 -4.57
N SER D 79 -2.96 -5.91 -5.77
CA SER D 79 -3.23 -4.61 -6.38
C SER D 79 -3.00 -3.47 -5.40
N ARG D 80 -1.87 -3.51 -4.72
CA ARG D 80 -1.56 -2.55 -3.67
C ARG D 80 -0.14 -2.02 -3.84
N MET D 81 0.05 -0.76 -3.49
CA MET D 81 1.40 -0.19 -3.43
C MET D 81 1.53 0.72 -2.22
N SER D 82 2.77 1.00 -1.82
CA SER D 82 3.01 1.82 -0.63
C SER D 82 4.17 2.79 -0.83
N LEU D 83 4.18 3.83 -0.01
CA LEU D 83 5.33 4.72 0.11
C LEU D 83 5.69 4.76 1.59
N GLN D 84 6.83 4.15 1.92
CA GLN D 84 7.28 4.06 3.30
C GLN D 84 8.38 5.10 3.55
N MET D 85 8.02 6.14 4.32
CA MET D 85 8.85 7.33 4.44
C MET D 85 9.60 7.39 5.76
N ASN D 86 10.85 7.84 5.69
CA ASN D 86 11.68 7.99 6.88
C ASN D 86 12.38 9.35 6.94
N SER D 87 12.76 9.76 8.15
CA SER D 87 13.46 11.03 8.34
C SER D 87 12.71 12.18 7.67
N LEU D 88 11.41 12.27 7.93
CA LEU D 88 10.55 13.24 7.26
C LEU D 88 10.89 14.69 7.63
N ARG D 89 10.80 15.57 6.63
CA ARG D 89 11.08 16.99 6.82
C ARG D 89 9.83 17.82 6.59
N ALA D 90 9.84 19.04 7.12
CA ALA D 90 8.73 19.97 6.96
C ALA D 90 8.27 20.11 5.50
N GLU D 91 9.21 20.09 4.56
CA GLU D 91 8.86 20.29 3.16
C GLU D 91 8.36 19.01 2.50
N ASP D 92 8.35 17.92 3.26
CA ASP D 92 7.72 16.70 2.78
C ASP D 92 6.22 16.81 2.93
N THR D 93 5.80 17.78 3.76
CA THR D 93 4.38 18.06 3.97
C THR D 93 3.68 18.38 2.66
N GLY D 94 2.53 17.75 2.44
CA GLY D 94 1.75 18.02 1.24
C GLY D 94 0.63 17.02 1.08
N ILE D 95 -0.06 17.11 -0.05
CA ILE D 95 -1.08 16.14 -0.41
C ILE D 95 -0.43 15.07 -1.28
N TYR D 96 -0.46 13.83 -0.82
CA TYR D 96 0.16 12.74 -1.57
C TYR D 96 -0.85 11.96 -2.41
N TYR D 97 -0.63 11.98 -3.72
CA TYR D 97 -1.52 11.33 -4.68
C TYR D 97 -0.93 10.03 -5.19
N CYS D 98 -1.77 9.02 -5.26
CA CYS D 98 -1.42 7.77 -5.92
C CYS D 98 -1.85 7.88 -7.37
N SER D 99 -0.95 7.54 -8.29
CA SER D 99 -1.25 7.65 -9.71
C SER D 99 -0.66 6.48 -10.49
N GLY D 100 -1.37 6.03 -11.53
CA GLY D 100 -0.91 4.91 -12.32
C GLY D 100 -1.82 4.48 -13.45
N GLY D 101 -1.42 3.42 -14.15
CA GLY D 101 -2.21 2.89 -15.24
C GLY D 101 -1.33 2.31 -16.33
N LYS D 102 -1.95 1.66 -17.32
CA LYS D 102 -1.23 1.20 -18.49
C LYS D 102 -0.59 2.42 -19.14
N VAL D 103 -1.37 3.48 -19.27
CA VAL D 103 -0.84 4.79 -19.62
C VAL D 103 -0.41 5.48 -18.33
N ARG D 104 0.87 5.82 -18.24
CA ARG D 104 1.40 6.49 -17.06
C ARG D 104 0.52 7.67 -16.64
N ASN D 105 0.23 7.76 -15.35
CA ASN D 105 -0.55 8.87 -14.80
C ASN D 105 -1.98 8.96 -15.33
N ALA D 106 -2.49 7.86 -15.87
CA ALA D 106 -3.85 7.86 -16.39
C ALA D 106 -4.89 8.06 -15.29
N TYR D 107 -4.59 7.55 -14.10
CA TYR D 107 -5.51 7.66 -12.97
C TYR D 107 -4.85 8.25 -11.73
N TRP D 108 -5.67 8.90 -10.90
CA TRP D 108 -5.20 9.53 -9.67
C TRP D 108 -6.20 9.29 -8.57
N GLY D 109 -5.72 9.00 -7.37
CA GLY D 109 -6.60 8.88 -6.22
C GLY D 109 -7.01 10.24 -5.67
N GLN D 110 -7.81 10.22 -4.61
CA GLN D 110 -8.28 11.45 -3.98
C GLN D 110 -7.12 12.11 -3.22
N GLY D 111 -6.11 11.31 -2.89
CA GLY D 111 -4.95 11.79 -2.15
C GLY D 111 -5.06 11.58 -0.65
N THR D 112 -3.92 11.60 0.02
CA THR D 112 -3.90 11.53 1.48
C THR D 112 -2.96 12.62 2.01
N THR D 113 -3.30 13.19 3.15
CA THR D 113 -2.53 14.31 3.68
C THR D 113 -1.35 13.84 4.51
N VAL D 114 -0.17 14.32 4.17
CA VAL D 114 1.02 14.07 4.97
C VAL D 114 1.52 15.39 5.56
N THR D 115 1.43 15.51 6.88
CA THR D 115 1.86 16.73 7.55
C THR D 115 2.91 16.45 8.64
N VAL D 116 4.12 16.97 8.44
CA VAL D 116 5.22 16.81 9.39
C VAL D 116 5.37 18.09 10.23
N SER D 117 5.26 17.91 11.55
CA SER D 117 4.63 18.91 12.41
C SER D 117 5.44 19.53 13.52
N SER D 118 5.60 18.78 14.60
CA SER D 118 6.02 19.30 15.90
C SER D 118 4.80 19.86 16.64
N LYS D 119 3.94 20.59 15.94
CA LYS D 119 2.71 21.08 16.53
C LYS D 119 1.91 19.89 17.06
N THR D 120 1.18 20.09 18.15
CA THR D 120 0.41 19.01 18.73
C THR D 120 -1.02 19.00 18.20
N THR D 121 -1.61 17.81 18.13
CA THR D 121 -2.96 17.67 17.60
C THR D 121 -4.03 18.20 18.57
N LYS D 122 -4.85 19.11 18.08
CA LYS D 122 -5.91 19.72 18.89
C LYS D 122 -7.27 19.55 18.25
N ALA D 123 -8.26 19.21 19.06
CA ALA D 123 -9.65 19.13 18.59
C ALA D 123 -10.17 20.53 18.32
N PRO D 124 -11.09 20.66 17.36
CA PRO D 124 -11.64 21.98 17.05
C PRO D 124 -12.70 22.41 18.05
N SER D 125 -12.84 23.72 18.24
CA SER D 125 -14.00 24.26 18.93
C SER D 125 -15.03 24.56 17.86
N VAL D 126 -16.28 24.15 18.11
CA VAL D 126 -17.33 24.30 17.12
C VAL D 126 -18.39 25.30 17.57
N TYR D 127 -18.43 26.45 16.91
CA TYR D 127 -19.30 27.53 17.33
C TYR D 127 -20.47 27.74 16.37
N PRO D 128 -21.69 27.78 16.92
CA PRO D 128 -22.91 28.05 16.16
C PRO D 128 -22.96 29.53 15.81
N LEU D 129 -23.37 29.86 14.58
CA LEU D 129 -23.50 31.25 14.19
C LEU D 129 -24.95 31.57 13.82
N ALA D 130 -25.67 32.19 14.75
CA ALA D 130 -27.05 32.60 14.50
C ALA D 130 -27.09 34.02 13.96
N PRO D 131 -28.03 34.30 13.04
CA PRO D 131 -28.14 35.58 12.34
C PRO D 131 -28.47 36.73 13.29
N VAL D 132 -28.06 37.95 12.92
CA VAL D 132 -28.38 39.14 13.70
C VAL D 132 -29.86 39.46 13.62
N SER D 140 -32.88 34.44 1.92
CA SER D 140 -33.59 34.95 3.09
C SER D 140 -32.71 34.97 4.34
N VAL D 141 -32.59 33.81 5.00
CA VAL D 141 -31.80 33.73 6.22
C VAL D 141 -30.53 32.91 6.04
N THR D 142 -29.41 33.43 6.55
CA THR D 142 -28.13 32.77 6.42
C THR D 142 -27.60 32.38 7.80
N LEU D 143 -27.29 31.09 7.96
CA LEU D 143 -26.74 30.59 9.22
C LEU D 143 -25.29 30.22 9.01
N GLY D 144 -24.57 29.99 10.09
CA GLY D 144 -23.15 29.67 9.98
C GLY D 144 -22.62 28.69 11.01
N CYS D 145 -21.42 28.21 10.76
CA CYS D 145 -20.73 27.32 11.67
C CYS D 145 -19.24 27.63 11.60
N LEU D 146 -18.67 28.00 12.74
CA LEU D 146 -17.25 28.35 12.82
C LEU D 146 -16.50 27.23 13.51
N VAL D 147 -15.45 26.73 12.87
CA VAL D 147 -14.67 25.62 13.38
C VAL D 147 -13.25 26.10 13.65
N LYS D 148 -12.91 26.29 14.92
CA LYS D 148 -11.72 27.03 15.29
C LYS D 148 -10.74 26.25 16.17
N GLY D 149 -9.45 26.42 15.88
CA GLY D 149 -8.38 25.93 16.73
C GLY D 149 -8.08 24.44 16.68
N TYR D 150 -8.07 23.86 15.49
CA TYR D 150 -7.78 22.43 15.36
C TYR D 150 -6.49 22.15 14.60
N PHE D 151 -5.83 21.05 14.95
CA PHE D 151 -4.65 20.60 14.26
C PHE D 151 -4.53 19.09 14.36
N PRO D 152 -4.18 18.43 13.24
CA PRO D 152 -3.98 19.07 11.95
C PRO D 152 -5.23 18.94 11.08
N GLU D 153 -5.09 19.18 9.78
CA GLU D 153 -6.17 18.89 8.83
C GLU D 153 -6.32 17.38 8.71
N PRO D 154 -7.49 16.90 8.26
CA PRO D 154 -8.65 17.71 7.90
C PRO D 154 -9.81 17.57 8.89
N VAL D 155 -10.87 18.34 8.66
CA VAL D 155 -12.13 18.13 9.35
C VAL D 155 -13.19 17.96 8.27
N THR D 156 -14.26 17.26 8.59
CA THR D 156 -15.41 17.22 7.69
C THR D 156 -16.56 17.94 8.35
N LEU D 157 -17.09 18.94 7.66
CA LEU D 157 -18.24 19.67 8.16
C LEU D 157 -19.43 19.35 7.27
N THR D 158 -20.58 19.18 7.90
CA THR D 158 -21.78 18.86 7.16
C THR D 158 -22.99 19.51 7.85
N TRP D 159 -24.07 19.67 7.11
CA TRP D 159 -25.29 20.26 7.66
C TRP D 159 -26.41 19.24 7.68
N ASN D 160 -27.01 19.04 8.84
CA ASN D 160 -28.07 18.05 8.99
C ASN D 160 -27.63 16.68 8.45
N SER D 161 -26.41 16.30 8.77
CA SER D 161 -25.85 15.01 8.36
C SER D 161 -25.87 14.83 6.84
N GLY D 162 -25.73 15.94 6.12
CA GLY D 162 -25.68 15.90 4.67
C GLY D 162 -27.03 16.19 4.03
N SER D 163 -28.09 15.93 4.77
CA SER D 163 -29.45 16.18 4.27
C SER D 163 -29.61 17.61 3.74
N LEU D 164 -28.85 18.53 4.32
CA LEU D 164 -28.85 19.92 3.87
C LEU D 164 -27.56 20.24 3.13
N SER D 165 -27.65 20.38 1.82
CA SER D 165 -26.47 20.56 0.98
C SER D 165 -26.56 21.76 0.05
N SER D 166 -27.77 22.06 -0.43
CA SER D 166 -27.97 23.20 -1.32
C SER D 166 -28.09 24.50 -0.53
N GLY D 167 -27.46 25.55 -1.04
CA GLY D 167 -27.41 26.83 -0.33
C GLY D 167 -26.24 26.85 0.63
N VAL D 168 -25.40 25.83 0.54
CA VAL D 168 -24.24 25.68 1.40
C VAL D 168 -22.97 26.21 0.75
N HIS D 169 -22.16 26.91 1.53
CA HIS D 169 -20.82 27.28 1.11
C HIS D 169 -19.86 26.96 2.25
N THR D 170 -18.94 26.03 2.01
CA THR D 170 -17.94 25.66 3.01
C THR D 170 -16.58 26.12 2.55
N PHE D 171 -15.86 26.80 3.43
CA PHE D 171 -14.62 27.47 3.04
C PHE D 171 -13.38 26.71 3.46
N PRO D 172 -12.34 26.76 2.62
CA PRO D 172 -11.05 26.11 2.88
C PRO D 172 -10.43 26.59 4.19
N ALA D 173 -9.93 25.66 4.99
CA ALA D 173 -9.30 25.99 6.25
C ALA D 173 -8.11 26.91 6.03
N VAL D 174 -7.82 27.74 7.03
CA VAL D 174 -6.66 28.61 6.96
C VAL D 174 -5.87 28.49 8.26
N LEU D 175 -4.55 28.40 8.13
CA LEU D 175 -3.67 28.21 9.27
C LEU D 175 -3.16 29.53 9.83
N GLN D 176 -3.16 29.64 11.15
CA GLN D 176 -2.55 30.76 11.85
C GLN D 176 -2.03 30.29 13.20
N SER D 177 -0.78 30.61 13.50
CA SER D 177 -0.17 30.21 14.75
C SER D 177 -0.48 28.74 15.09
N ASP D 178 -0.03 27.84 14.22
CA ASP D 178 -0.13 26.40 14.46
C ASP D 178 -1.56 25.86 14.58
N LEU D 179 -2.54 26.71 14.35
CA LEU D 179 -3.93 26.30 14.46
C LEU D 179 -4.72 26.61 13.18
N TYR D 180 -5.70 25.76 12.88
CA TYR D 180 -6.54 25.96 11.71
C TYR D 180 -7.91 26.47 12.10
N THR D 181 -8.53 27.25 11.22
CA THR D 181 -9.93 27.60 11.38
C THR D 181 -10.69 27.42 10.07
N LEU D 182 -11.95 26.98 10.20
CA LEU D 182 -12.78 26.58 9.09
C LEU D 182 -14.14 27.21 9.32
N SER D 183 -14.84 27.53 8.24
CA SER D 183 -16.20 28.07 8.38
C SER D 183 -17.11 27.55 7.28
N SER D 184 -18.40 27.50 7.59
CA SER D 184 -19.40 27.10 6.62
C SER D 184 -20.65 27.95 6.82
N SER D 185 -21.31 28.28 5.72
CA SER D 185 -22.56 29.00 5.76
C SER D 185 -23.63 28.22 5.01
N VAL D 186 -24.88 28.39 5.44
CA VAL D 186 -26.00 27.77 4.73
C VAL D 186 -27.16 28.75 4.67
N THR D 187 -27.72 28.91 3.48
CA THR D 187 -28.80 29.85 3.27
C THR D 187 -30.10 29.15 2.92
N VAL D 188 -31.10 29.28 3.79
CA VAL D 188 -32.42 28.72 3.55
C VAL D 188 -33.47 29.82 3.51
N THR D 189 -34.73 29.45 3.34
CA THR D 189 -35.81 30.42 3.32
C THR D 189 -36.29 30.69 4.74
N SER D 190 -36.89 31.86 4.95
CA SER D 190 -37.37 32.25 6.27
C SER D 190 -38.45 31.29 6.78
N SER D 191 -39.12 30.64 5.85
CA SER D 191 -40.15 29.66 6.20
C SER D 191 -39.51 28.38 6.76
N THR D 192 -38.20 28.26 6.59
CA THR D 192 -37.49 27.03 6.94
C THR D 192 -36.93 27.04 8.37
N TRP D 193 -36.38 28.17 8.78
CA TRP D 193 -35.75 28.28 10.09
C TRP D 193 -36.19 29.57 10.76
N PRO D 194 -36.36 29.54 12.10
CA PRO D 194 -36.06 28.43 13.02
C PRO D 194 -37.14 27.34 13.11
N SER D 195 -38.09 27.31 12.18
CA SER D 195 -39.12 26.29 12.23
C SER D 195 -38.51 24.89 12.25
N GLN D 196 -37.77 24.55 11.20
CA GLN D 196 -37.03 23.29 11.16
C GLN D 196 -35.64 23.45 11.76
N SER D 197 -35.26 22.53 12.65
CA SER D 197 -33.95 22.58 13.27
C SER D 197 -32.86 22.42 12.22
N ILE D 198 -31.77 23.18 12.38
CA ILE D 198 -30.62 23.06 11.53
C ILE D 198 -29.37 22.93 12.39
N THR D 199 -28.59 21.88 12.16
CA THR D 199 -27.48 21.56 13.04
C THR D 199 -26.18 21.30 12.28
N CYS D 200 -25.08 21.83 12.82
CA CYS D 200 -23.77 21.73 12.20
C CYS D 200 -23.01 20.51 12.72
N ASN D 201 -22.56 19.66 11.82
CA ASN D 201 -21.83 18.46 12.20
C ASN D 201 -20.37 18.54 11.77
N VAL D 202 -19.46 18.25 12.71
CA VAL D 202 -18.03 18.34 12.44
C VAL D 202 -17.29 17.12 12.97
N ALA D 203 -16.50 16.49 12.11
CA ALA D 203 -15.65 15.39 12.52
C ALA D 203 -14.19 15.80 12.40
N HIS D 204 -13.38 15.37 13.36
CA HIS D 204 -11.94 15.62 13.31
C HIS D 204 -11.22 14.33 13.70
N PRO D 205 -11.06 13.41 12.74
CA PRO D 205 -10.50 12.08 12.97
C PRO D 205 -9.23 12.11 13.82
N ALA D 206 -8.31 13.01 13.50
CA ALA D 206 -7.02 13.06 14.17
C ALA D 206 -7.17 13.02 15.69
N SER D 207 -8.22 13.65 16.21
CA SER D 207 -8.46 13.66 17.64
C SER D 207 -9.76 12.93 17.98
N SER D 208 -10.28 12.19 17.02
CA SER D 208 -11.48 11.37 17.22
C SER D 208 -12.66 12.18 17.74
N THR D 209 -12.85 13.38 17.21
CA THR D 209 -13.98 14.20 17.65
C THR D 209 -15.09 14.26 16.62
N LYS D 210 -16.32 14.11 17.10
CA LYS D 210 -17.51 14.35 16.30
C LYS D 210 -18.41 15.24 17.11
N VAL D 211 -18.72 16.42 16.58
CA VAL D 211 -19.50 17.40 17.31
C VAL D 211 -20.73 17.84 16.54
N ASP D 212 -21.85 17.93 17.24
CA ASP D 212 -23.06 18.50 16.69
C ASP D 212 -23.35 19.81 17.39
N LYS D 213 -23.62 20.87 16.62
CA LYS D 213 -24.02 22.14 17.19
C LYS D 213 -25.28 22.65 16.53
N LYS D 214 -26.38 22.68 17.28
CA LYS D 214 -27.66 23.16 16.79
C LYS D 214 -27.67 24.69 16.74
N ILE D 215 -28.15 25.24 15.64
CA ILE D 215 -28.20 26.69 15.49
C ILE D 215 -29.46 27.26 16.14
N GLU D 216 -29.29 27.85 17.32
CA GLU D 216 -30.40 28.41 18.07
C GLU D 216 -30.47 29.92 17.87
N PRO D 217 -31.69 30.44 17.63
CA PRO D 217 -31.92 31.88 17.42
C PRO D 217 -31.29 32.73 18.51
ZN ZN E . -2.24 -15.66 24.30
ZN ZN F . 10.54 -26.13 -33.32
ZN ZN G . -16.54 -10.71 11.61
MG MG H . 23.43 -17.39 -1.67
MG MG I . -15.68 -11.01 8.40
C1 NGA J . -12.75 -17.66 23.78
C2 NGA J . -11.28 -17.73 23.95
C3 NGA J . -10.67 -17.78 22.56
C4 NGA J . -11.11 -19.10 21.97
C5 NGA J . -12.64 -19.19 21.90
C6 NGA J . -13.28 -20.52 21.42
C7 NGA J . -10.35 -16.46 25.79
C8 NGA J . -10.03 -15.09 26.24
N2 NGA J . -10.88 -16.54 24.59
O1 NGA J . -13.32 -16.68 23.11
O3 NGA J . -9.30 -17.79 22.81
O4 NGA J . -10.64 -20.15 22.80
O5 NGA J . -13.16 -18.92 23.24
O6 NGA J . -12.63 -20.77 20.20
O7 NGA J . -10.17 -17.42 26.46
ZN ZN K . -20.03 25.65 26.62
MG MG L . -17.15 14.80 -32.19
MG MG M . -16.94 17.86 -31.67
MG MG N . 2.87 8.93 -20.61
ZN ZN O . 8.66 -6.49 -7.42
C1 NGA P . 13.26 7.65 -17.97
C2 NGA P . 11.80 7.84 -18.19
C3 NGA P . 11.34 8.99 -17.31
C4 NGA P . 11.55 8.54 -15.89
C5 NGA P . 13.02 8.24 -15.62
C6 NGA P . 13.42 7.73 -14.21
C7 NGA P . 10.90 7.58 -20.42
C8 NGA P . 10.91 8.14 -21.78
N2 NGA P . 11.65 8.20 -19.54
O1 NGA P . 14.15 8.57 -18.27
O3 NGA P . 9.96 9.04 -17.56
O4 NGA P . 10.83 7.33 -15.73
O5 NGA P . 13.45 7.24 -16.59
O6 NGA P . 12.75 8.60 -13.35
O7 NGA P . 10.26 6.61 -20.13
#